data_8GZZ
#
_entry.id   8GZZ
#
_cell.length_a   1.00
_cell.length_b   1.00
_cell.length_c   1.00
_cell.angle_alpha   90.00
_cell.angle_beta   90.00
_cell.angle_gamma   90.00
#
_symmetry.space_group_name_H-M   'P 1'
#
loop_
_entity.id
_entity.type
_entity.pdbx_description
1 polymer 'Spike protein S1'
2 polymer 'rabbit monoclonal antibody 1H1 Fab light chain'
3 polymer 'rabbit monoclonal antibody 1H1 Fab heavy chain'
#
loop_
_entity_poly.entity_id
_entity_poly.type
_entity_poly.pdbx_seq_one_letter_code
_entity_poly.pdbx_strand_id
1 'polypeptide(L)'
;NLCPFDEVFNATRFASVYAWNRKRISNCVADYSVLYNLAPFFTFKCYGVSPTKLNDLCFTNVYADSFVIRGDEVRQIAPG
QTGNIADYNYKLPDDFTGCVIAWNSNKLDSKVSGNYNYLYRLFRKSNLKPFERDISTEIYQAGNKPCNGVAGFNCYFPLR
SYSFRPTYGVGHQPYRVVVLSFELLHAPATVCGP
;
A,B
2 'polypeptide(L)'
;DIVMTQTPASVSEPVGGTVTIKCQASESISNWLAWYQQKPGQPPKLLIYAAFTLASGVPSRFKGSGSGTQFTLTINGVEC
ADAATYYCQQTYSSRDVDNVFGGGTEVVVKG
;
D,F
3 'polypeptide(L)'
;QSLEESGGDLVKPGASLTLTCTASGFSFSSGYDMCWVRQAPGKGLEWIACIGTGSSGNIYYASWAKGRFTISKTSSTTVT
LQMTSLTAADTATYFCARDDADYAGPDYFNLWGPGTLVTVSS
;
E,G
#
# COMPACT_ATOMS: atom_id res chain seq x y z
N ASN A 1 34.21 -1.33 -23.92
CA ASN A 1 33.65 -0.01 -23.67
C ASN A 1 32.17 -0.10 -23.39
N LEU A 2 31.82 -0.41 -22.14
CA LEU A 2 30.43 -0.63 -21.77
C LEU A 2 29.65 0.67 -21.73
N CYS A 3 28.38 0.59 -22.12
CA CYS A 3 27.52 1.76 -22.09
C CYS A 3 27.19 2.16 -20.65
N PRO A 4 26.90 3.43 -20.40
CA PRO A 4 26.65 3.90 -19.02
C PRO A 4 25.23 3.64 -18.56
N PHE A 5 24.84 2.36 -18.54
CA PHE A 5 23.54 2.02 -17.99
C PHE A 5 23.54 2.05 -16.47
N ASP A 6 24.69 1.79 -15.86
CA ASP A 6 24.79 1.84 -14.40
C ASP A 6 24.49 3.23 -13.88
N GLU A 7 25.05 4.26 -14.52
CA GLU A 7 24.83 5.63 -14.08
C GLU A 7 23.37 6.03 -14.23
N VAL A 8 22.75 5.68 -15.37
CA VAL A 8 21.38 6.11 -15.63
C VAL A 8 20.40 5.38 -14.73
N PHE A 9 20.57 4.06 -14.58
CA PHE A 9 19.59 3.26 -13.85
C PHE A 9 19.82 3.27 -12.34
N ASN A 10 21.08 3.32 -11.90
CA ASN A 10 21.40 3.27 -10.48
C ASN A 10 21.72 4.63 -9.91
N ALA A 11 21.22 5.71 -10.53
CA ALA A 11 21.34 7.03 -9.94
C ALA A 11 20.47 7.13 -8.70
N THR A 12 21.00 7.80 -7.67
CA THR A 12 20.29 7.88 -6.40
C THR A 12 18.98 8.65 -6.54
N ARG A 13 18.97 9.73 -7.31
CA ARG A 13 17.80 10.60 -7.43
C ARG A 13 17.52 10.85 -8.90
N PHE A 14 16.28 10.62 -9.32
CA PHE A 14 15.86 10.92 -10.68
C PHE A 14 15.21 12.29 -10.77
N ALA A 15 15.13 12.79 -12.00
CA ALA A 15 14.57 14.10 -12.28
C ALA A 15 13.05 14.10 -12.07
N SER A 16 12.50 15.29 -11.86
CA SER A 16 11.06 15.45 -11.84
C SER A 16 10.50 15.22 -13.24
N VAL A 17 9.24 14.82 -13.30
CA VAL A 17 8.66 14.42 -14.59
C VAL A 17 8.58 15.60 -15.55
N TYR A 18 8.21 16.79 -15.06
CA TYR A 18 8.09 17.93 -15.95
C TYR A 18 9.44 18.36 -16.49
N ALA A 19 10.47 18.38 -15.64
CA ALA A 19 11.84 18.65 -16.08
C ALA A 19 12.63 17.35 -16.18
N TRP A 20 12.21 16.49 -17.10
CA TRP A 20 12.84 15.19 -17.26
C TRP A 20 14.27 15.34 -17.78
N ASN A 21 15.13 14.42 -17.34
CA ASN A 21 16.52 14.42 -17.77
C ASN A 21 16.64 13.83 -19.17
N ARG A 22 17.77 14.14 -19.82
CA ARG A 22 18.08 13.61 -21.14
C ARG A 22 19.55 13.20 -21.17
N LYS A 23 19.83 12.02 -21.71
CA LYS A 23 21.18 11.49 -21.78
C LYS A 23 21.40 10.90 -23.17
N ARG A 24 22.68 11.03 -23.63
CA ARG A 24 23.03 10.46 -24.95
C ARG A 24 23.92 9.25 -24.75
N ILE A 25 23.60 8.14 -25.45
CA ILE A 25 24.40 6.92 -25.38
C ILE A 25 24.98 6.68 -26.77
N SER A 26 26.30 6.62 -26.85
CA SER A 26 26.95 6.47 -28.14
C SER A 26 28.32 5.83 -27.97
N ASN A 27 28.75 5.12 -29.02
CA ASN A 27 30.05 4.49 -29.10
C ASN A 27 30.33 3.63 -27.87
N CYS A 28 29.46 2.65 -27.66
CA CYS A 28 29.64 1.70 -26.58
C CYS A 28 28.82 0.47 -26.88
N VAL A 29 29.14 -0.61 -26.17
CA VAL A 29 28.37 -1.85 -26.27
C VAL A 29 27.32 -1.86 -25.18
N ALA A 30 26.07 -2.13 -25.56
CA ALA A 30 24.94 -2.08 -24.65
C ALA A 30 24.58 -3.48 -24.21
N ASP A 31 24.72 -3.77 -22.92
CA ASP A 31 24.38 -5.06 -22.36
C ASP A 31 23.08 -4.93 -21.58
N TYR A 32 22.06 -5.66 -22.02
CA TYR A 32 20.74 -5.58 -21.40
C TYR A 32 20.55 -6.60 -20.29
N SER A 33 21.50 -7.51 -20.08
CA SER A 33 21.40 -8.45 -18.98
C SER A 33 21.59 -7.78 -17.63
N VAL A 34 22.19 -6.59 -17.60
CA VAL A 34 22.39 -5.88 -16.35
C VAL A 34 21.07 -5.39 -15.78
N LEU A 35 20.05 -5.25 -16.62
CA LEU A 35 18.81 -4.62 -16.18
C LEU A 35 17.93 -5.61 -15.45
N TYR A 36 18.50 -6.34 -14.50
CA TYR A 36 17.73 -7.16 -13.57
C TYR A 36 18.14 -6.93 -12.13
N ASN A 37 19.44 -6.74 -11.87
CA ASN A 37 19.92 -6.46 -10.52
C ASN A 37 19.66 -5.01 -10.14
N LEU A 38 19.83 -4.09 -11.10
CA LEU A 38 19.66 -2.67 -10.82
C LEU A 38 18.20 -2.25 -10.75
N ALA A 39 17.33 -2.89 -11.52
CA ALA A 39 15.93 -2.50 -11.64
C ALA A 39 15.02 -3.68 -11.37
N PRO A 40 14.71 -3.97 -10.10
CA PRO A 40 13.78 -5.06 -9.81
C PRO A 40 12.35 -4.71 -10.19
N PHE A 41 11.57 -5.74 -10.50
CA PHE A 41 10.15 -5.62 -10.80
C PHE A 41 9.88 -4.71 -11.98
N PHE A 42 10.77 -4.73 -12.97
CA PHE A 42 10.62 -3.85 -14.11
C PHE A 42 9.55 -4.40 -15.06
N THR A 43 9.11 -3.54 -15.98
CA THR A 43 8.14 -3.92 -17.00
C THR A 43 8.67 -3.43 -18.34
N PHE A 44 9.13 -4.37 -19.17
CA PHE A 44 9.93 -4.02 -20.33
C PHE A 44 9.05 -3.97 -21.57
N LYS A 45 7.74 -3.76 -21.37
CA LYS A 45 6.84 -3.57 -22.49
C LYS A 45 7.35 -2.39 -23.32
N CYS A 46 7.44 -2.57 -24.63
CA CYS A 46 8.08 -1.54 -25.42
C CYS A 46 7.66 -1.67 -26.88
N TYR A 47 8.17 -0.75 -27.70
CA TYR A 47 7.63 -0.46 -29.02
C TYR A 47 8.73 -0.44 -30.06
N GLY A 48 8.41 -0.88 -31.27
CA GLY A 48 9.27 -0.68 -32.42
C GLY A 48 10.27 -1.78 -32.70
N VAL A 49 10.51 -2.69 -31.77
CA VAL A 49 11.53 -3.72 -31.93
C VAL A 49 11.26 -4.83 -30.94
N SER A 50 11.65 -6.05 -31.30
CA SER A 50 11.47 -7.19 -30.40
C SER A 50 12.45 -7.10 -29.25
N PRO A 51 11.99 -7.12 -28.00
CA PRO A 51 12.92 -7.00 -26.87
C PRO A 51 13.94 -8.12 -26.77
N THR A 52 13.57 -9.35 -27.17
CA THR A 52 14.47 -10.49 -26.97
C THR A 52 15.66 -10.44 -27.91
N LYS A 53 15.43 -10.13 -29.18
CA LYS A 53 16.50 -10.10 -30.18
C LYS A 53 17.30 -8.80 -30.16
N LEU A 54 17.19 -8.00 -29.10
CA LEU A 54 17.97 -6.77 -29.01
C LEU A 54 19.46 -7.04 -28.92
N ASN A 55 19.86 -8.23 -28.50
CA ASN A 55 21.28 -8.52 -28.33
C ASN A 55 22.03 -8.44 -29.66
N ASP A 56 21.47 -9.06 -30.69
CA ASP A 56 22.09 -9.03 -32.02
C ASP A 56 21.43 -7.99 -32.91
N LEU A 57 21.72 -6.73 -32.61
CA LEU A 57 21.21 -5.61 -33.38
C LEU A 57 22.03 -4.38 -33.05
N CYS A 58 22.09 -3.45 -34.00
CA CYS A 58 22.89 -2.24 -33.87
C CYS A 58 21.99 -1.01 -33.99
N PHE A 59 22.20 -0.04 -33.12
CA PHE A 59 21.35 1.15 -33.03
C PHE A 59 22.14 2.37 -33.48
N THR A 60 21.47 3.26 -34.22
CA THR A 60 22.16 4.45 -34.73
C THR A 60 22.49 5.44 -33.63
N ASN A 61 21.50 5.77 -32.79
CA ASN A 61 21.69 6.75 -31.73
C ASN A 61 20.64 6.51 -30.66
N VAL A 62 21.07 6.56 -29.40
CA VAL A 62 20.22 6.18 -28.28
C VAL A 62 20.08 7.37 -27.33
N TYR A 63 18.84 7.72 -27.01
CA TYR A 63 18.53 8.75 -26.04
C TYR A 63 17.85 8.12 -24.84
N ALA A 64 18.23 8.54 -23.64
CA ALA A 64 17.65 8.01 -22.42
C ALA A 64 17.02 9.15 -21.62
N ASP A 65 15.72 9.05 -21.36
CA ASP A 65 15.00 10.06 -20.61
C ASP A 65 14.45 9.42 -19.34
N SER A 66 14.82 9.96 -18.18
CA SER A 66 14.49 9.34 -16.91
C SER A 66 13.70 10.32 -16.05
N PHE A 67 12.73 9.78 -15.31
CA PHE A 67 11.94 10.58 -14.37
C PHE A 67 11.23 9.65 -13.40
N VAL A 68 10.37 10.23 -12.57
CA VAL A 68 9.61 9.51 -11.57
C VAL A 68 8.15 9.95 -11.65
N ILE A 69 7.24 8.97 -11.70
CA ILE A 69 5.81 9.27 -11.79
C ILE A 69 5.06 8.39 -10.79
N ARG A 70 3.74 8.54 -10.80
CA ARG A 70 2.90 7.71 -9.95
C ARG A 70 2.70 6.33 -10.57
N GLY A 71 2.21 5.40 -9.75
CA GLY A 71 1.96 4.07 -10.24
C GLY A 71 0.87 4.01 -11.29
N ASP A 72 -0.21 4.75 -11.07
CA ASP A 72 -1.35 4.68 -11.98
C ASP A 72 -1.11 5.43 -13.28
N GLU A 73 -0.14 6.34 -13.31
CA GLU A 73 0.12 7.15 -14.50
C GLU A 73 1.11 6.49 -15.45
N VAL A 74 1.66 5.32 -15.09
CA VAL A 74 2.67 4.68 -15.93
C VAL A 74 2.09 4.31 -17.28
N ARG A 75 0.79 4.04 -17.36
CA ARG A 75 0.17 3.70 -18.63
C ARG A 75 0.09 4.89 -19.58
N GLN A 76 0.39 6.09 -19.11
CA GLN A 76 0.35 7.27 -19.97
C GLN A 76 1.61 7.44 -20.81
N ILE A 77 2.65 6.66 -20.57
CA ILE A 77 3.88 6.73 -21.35
C ILE A 77 3.72 5.74 -22.49
N ALA A 78 3.08 6.19 -23.57
CA ALA A 78 2.84 5.37 -24.75
C ALA A 78 2.44 6.30 -25.89
N PRO A 79 2.83 5.99 -27.12
CA PRO A 79 2.48 6.88 -28.24
C PRO A 79 0.98 7.03 -28.38
N GLY A 80 0.54 8.26 -28.65
CA GLY A 80 -0.85 8.55 -28.86
C GLY A 80 -1.70 8.62 -27.61
N GLN A 81 -1.06 8.38 -26.44
CA GLN A 81 -1.88 8.36 -25.21
C GLN A 81 -2.26 9.80 -24.84
N THR A 82 -3.39 9.97 -24.12
CA THR A 82 -3.91 11.25 -23.69
C THR A 82 -4.15 11.23 -22.18
N GLY A 83 -3.82 12.34 -21.53
CA GLY A 83 -3.97 12.43 -20.09
C GLY A 83 -3.31 13.69 -19.58
N ASN A 84 -3.00 13.68 -18.29
CA ASN A 84 -2.29 14.81 -17.70
C ASN A 84 -0.81 14.78 -18.08
N ILE A 85 -0.14 13.68 -17.73
CA ILE A 85 1.29 13.55 -18.03
C ILE A 85 1.52 13.55 -19.53
N ALA A 86 0.64 12.91 -20.29
CA ALA A 86 0.82 12.87 -21.74
C ALA A 86 0.72 14.25 -22.36
N ASP A 87 -0.20 15.09 -21.89
CA ASP A 87 -0.38 16.39 -22.50
C ASP A 87 0.60 17.44 -22.01
N TYR A 88 0.78 17.56 -20.70
CA TYR A 88 1.46 18.71 -20.14
C TYR A 88 2.87 18.45 -19.63
N ASN A 89 3.30 17.20 -19.57
CA ASN A 89 4.62 16.89 -19.02
C ASN A 89 5.53 16.18 -20.01
N TYR A 90 5.04 15.18 -20.72
CA TYR A 90 5.89 14.37 -21.58
C TYR A 90 5.03 13.76 -22.69
N LYS A 91 5.29 14.17 -23.93
CA LYS A 91 4.58 13.65 -25.09
C LYS A 91 5.51 12.79 -25.92
N LEU A 92 5.05 11.59 -26.27
CA LEU A 92 5.79 10.69 -27.15
C LEU A 92 5.25 10.79 -28.57
N PRO A 93 6.12 10.83 -29.57
CA PRO A 93 5.64 10.92 -30.96
C PRO A 93 4.92 9.65 -31.36
N ASP A 94 4.00 9.81 -32.32
CA ASP A 94 3.18 8.69 -32.76
C ASP A 94 4.03 7.60 -33.39
N ASP A 95 5.00 7.98 -34.22
CA ASP A 95 5.91 7.02 -34.84
C ASP A 95 7.13 6.75 -33.97
N PHE A 96 6.87 6.41 -32.71
CA PHE A 96 7.94 6.24 -31.75
C PHE A 96 8.67 4.93 -31.97
N THR A 97 9.99 4.96 -31.77
CA THR A 97 10.82 3.77 -31.75
C THR A 97 11.69 3.80 -30.51
N GLY A 98 11.90 2.65 -29.90
CA GLY A 98 12.60 2.54 -28.64
C GLY A 98 11.72 1.91 -27.58
N CYS A 99 12.34 1.61 -26.45
CA CYS A 99 11.67 0.84 -25.41
C CYS A 99 11.61 1.60 -24.10
N VAL A 100 10.48 1.48 -23.42
CA VAL A 100 10.27 2.13 -22.14
C VAL A 100 10.38 1.09 -21.04
N ILE A 101 10.95 1.50 -19.90
CA ILE A 101 11.13 0.62 -18.75
C ILE A 101 10.64 1.36 -17.53
N ALA A 102 9.89 0.68 -16.67
CA ALA A 102 9.38 1.28 -15.44
C ALA A 102 9.49 0.27 -14.32
N TRP A 103 9.99 0.71 -13.17
CA TRP A 103 10.09 -0.18 -12.03
C TRP A 103 9.71 0.55 -10.76
N ASN A 104 9.10 -0.18 -9.83
CA ASN A 104 8.69 0.39 -8.56
C ASN A 104 9.91 0.82 -7.76
N SER A 105 9.78 1.95 -7.08
CA SER A 105 10.86 2.49 -6.28
C SER A 105 10.32 2.99 -4.95
N ASN A 106 9.45 2.21 -4.32
CA ASN A 106 8.94 2.58 -3.01
C ASN A 106 10.04 2.56 -1.96
N LYS A 107 11.03 1.68 -2.14
CA LYS A 107 12.12 1.52 -1.15
C LYS A 107 13.14 2.65 -1.29
N LEU A 108 13.08 3.41 -2.38
CA LEU A 108 14.06 4.46 -2.62
C LEU A 108 13.51 5.87 -2.54
N ASP A 109 12.26 6.08 -2.90
CA ASP A 109 11.70 7.43 -3.02
C ASP A 109 10.42 7.59 -2.21
N SER A 110 10.41 7.04 -0.99
CA SER A 110 9.29 7.21 -0.08
C SER A 110 9.82 7.66 1.27
N LYS A 111 9.28 8.75 1.78
CA LYS A 111 9.71 9.33 3.06
C LYS A 111 8.56 9.30 4.05
N VAL A 112 8.89 9.05 5.32
CA VAL A 112 7.87 8.96 6.35
C VAL A 112 7.16 10.30 6.50
N SER A 113 7.92 11.39 6.54
CA SER A 113 7.31 12.72 6.65
C SER A 113 6.46 13.04 5.44
N GLY A 114 6.93 12.65 4.25
CA GLY A 114 6.19 12.91 3.02
C GLY A 114 7.09 13.42 1.92
N ASN A 115 6.96 12.84 0.73
CA ASN A 115 7.80 13.24 -0.39
C ASN A 115 7.21 14.49 -1.04
N TYR A 116 7.95 15.60 -0.97
CA TYR A 116 7.44 16.89 -1.52
C TYR A 116 8.46 17.47 -2.50
N ASN A 117 9.36 16.64 -3.03
CA ASN A 117 10.38 17.15 -3.92
C ASN A 117 10.13 16.84 -5.39
N TYR A 118 9.20 15.94 -5.70
CA TYR A 118 8.89 15.59 -7.07
C TYR A 118 7.66 16.37 -7.51
N LEU A 119 7.79 17.09 -8.61
CA LEU A 119 6.76 18.00 -9.08
C LEU A 119 6.29 17.61 -10.47
N TYR A 120 5.07 18.01 -10.80
CA TYR A 120 4.50 17.76 -12.11
C TYR A 120 3.64 18.94 -12.52
N ARG A 121 3.63 19.24 -13.82
CA ARG A 121 2.86 20.36 -14.34
C ARG A 121 1.40 19.99 -14.40
N LEU A 122 0.53 20.87 -13.93
CA LEU A 122 -0.90 20.62 -13.86
C LEU A 122 -1.72 21.51 -14.75
N PHE A 123 -1.26 22.73 -15.04
CA PHE A 123 -1.97 23.67 -15.89
C PHE A 123 -1.08 24.04 -17.05
N ARG A 124 -1.69 24.39 -18.18
CA ARG A 124 -0.94 24.66 -19.40
C ARG A 124 -1.89 25.18 -20.45
N LYS A 125 -1.37 26.03 -21.34
CA LYS A 125 -2.19 26.60 -22.40
C LYS A 125 -2.61 25.54 -23.41
N SER A 126 -1.66 24.72 -23.89
CA SER A 126 -1.97 23.73 -24.90
C SER A 126 -1.03 22.56 -24.77
N ASN A 127 -1.43 21.43 -25.36
CA ASN A 127 -0.70 20.18 -25.19
C ASN A 127 0.71 20.28 -25.75
N LEU A 128 1.61 19.52 -25.13
CA LEU A 128 3.00 19.51 -25.58
C LEU A 128 3.13 18.84 -26.94
N LYS A 129 3.93 19.43 -27.81
CA LYS A 129 4.37 18.75 -29.00
C LYS A 129 5.33 17.64 -28.59
N PRO A 130 5.46 16.59 -29.41
CA PRO A 130 6.30 15.46 -29.02
C PRO A 130 7.72 15.88 -28.68
N PHE A 131 8.23 15.34 -27.57
CA PHE A 131 9.59 15.58 -27.09
C PHE A 131 9.86 17.08 -26.89
N GLU A 132 9.11 17.67 -25.95
CA GLU A 132 9.30 19.11 -25.63
C GLU A 132 9.32 19.30 -24.12
N ARG A 133 10.01 20.33 -23.62
CA ARG A 133 10.11 20.55 -22.15
C ARG A 133 9.64 21.96 -21.82
N ASP A 134 8.77 22.11 -20.81
CA ASP A 134 8.32 23.46 -20.39
C ASP A 134 8.65 23.66 -18.92
N ILE A 135 9.70 24.43 -18.63
CA ILE A 135 10.11 24.65 -17.25
C ILE A 135 9.59 25.98 -16.71
N SER A 136 8.75 26.68 -17.46
CA SER A 136 8.23 27.96 -17.01
C SER A 136 7.35 27.79 -15.78
N THR A 137 7.47 28.75 -14.87
CA THR A 137 6.68 28.77 -13.65
C THR A 137 5.70 29.94 -13.60
N GLU A 138 5.37 30.50 -14.77
CA GLU A 138 4.45 31.64 -14.82
C GLU A 138 3.11 31.26 -14.18
N ILE A 139 2.58 32.19 -13.40
CA ILE A 139 1.30 31.94 -12.74
C ILE A 139 0.23 31.74 -13.79
N TYR A 140 -0.64 30.75 -13.56
CA TYR A 140 -1.64 30.38 -14.54
C TYR A 140 -2.91 31.18 -14.31
N GLN A 141 -3.44 31.75 -15.39
CA GLN A 141 -4.64 32.57 -15.34
C GLN A 141 -5.82 31.70 -15.76
N ALA A 142 -6.65 31.33 -14.79
CA ALA A 142 -7.79 30.45 -15.03
C ALA A 142 -9.12 31.20 -15.11
N GLY A 143 -9.08 32.54 -15.11
CA GLY A 143 -10.32 33.31 -15.15
C GLY A 143 -10.32 34.35 -16.25
N ASN A 144 -10.70 35.59 -15.91
CA ASN A 144 -10.72 36.69 -16.85
C ASN A 144 -9.81 37.85 -16.44
N LYS A 145 -9.75 38.16 -15.15
CA LYS A 145 -8.87 39.23 -14.69
C LYS A 145 -7.45 38.71 -14.57
N PRO A 146 -6.47 39.37 -15.19
CA PRO A 146 -5.10 38.84 -15.17
C PRO A 146 -4.56 38.69 -13.76
N CYS A 147 -3.74 37.66 -13.57
CA CYS A 147 -3.22 37.33 -12.24
C CYS A 147 -2.20 38.37 -11.78
N ASN A 148 -1.33 38.81 -12.69
CA ASN A 148 -0.27 39.78 -12.38
C ASN A 148 0.65 39.30 -11.27
N GLY A 149 0.97 38.01 -11.27
CA GLY A 149 1.85 37.44 -10.27
C GLY A 149 1.15 36.99 -9.00
N VAL A 150 -0.14 37.25 -8.86
CA VAL A 150 -0.89 36.82 -7.68
C VAL A 150 -1.34 35.39 -7.87
N ALA A 151 -1.38 34.62 -6.78
CA ALA A 151 -1.82 33.24 -6.79
C ALA A 151 -3.10 33.05 -5.99
N GLY A 152 -3.97 34.06 -5.99
CA GLY A 152 -5.20 34.01 -5.22
C GLY A 152 -6.26 33.13 -5.86
N PHE A 153 -7.52 33.51 -5.68
CA PHE A 153 -8.62 32.77 -6.29
C PHE A 153 -8.55 32.88 -7.80
N ASN A 154 -8.87 31.77 -8.48
CA ASN A 154 -8.89 31.72 -9.95
C ASN A 154 -7.55 32.14 -10.55
N CYS A 155 -6.47 31.82 -9.84
CA CYS A 155 -5.10 32.12 -10.29
C CYS A 155 -4.20 31.07 -9.64
N TYR A 156 -3.84 30.06 -10.40
CA TYR A 156 -3.23 28.85 -9.82
C TYR A 156 -1.78 28.71 -10.25
N PHE A 157 -1.00 28.08 -9.39
CA PHE A 157 0.38 27.73 -9.69
C PHE A 157 0.41 26.52 -10.62
N PRO A 158 1.09 26.61 -11.76
CA PRO A 158 1.01 25.52 -12.75
C PRO A 158 1.60 24.20 -12.28
N LEU A 159 2.46 24.20 -11.27
CA LEU A 159 3.14 22.99 -10.84
C LEU A 159 2.60 22.54 -9.49
N ARG A 160 2.39 21.23 -9.35
CA ARG A 160 2.00 20.63 -8.09
C ARG A 160 3.07 19.63 -7.67
N SER A 161 2.95 19.14 -6.44
CA SER A 161 3.90 18.19 -5.89
C SER A 161 3.24 16.84 -5.73
N TYR A 162 3.98 15.78 -6.05
CA TYR A 162 3.44 14.43 -5.91
C TYR A 162 3.31 14.08 -4.44
N SER A 163 2.12 13.68 -4.02
CA SER A 163 1.87 13.24 -2.66
C SER A 163 1.72 11.72 -2.68
N PHE A 164 2.86 11.04 -2.61
CA PHE A 164 2.85 9.58 -2.59
C PHE A 164 2.24 9.08 -1.29
N ARG A 165 1.36 8.08 -1.40
CA ARG A 165 0.70 7.48 -0.24
C ARG A 165 0.88 5.98 -0.32
N PRO A 166 1.99 5.45 0.19
CA PRO A 166 2.23 4.00 0.12
C PRO A 166 1.23 3.17 0.90
N THR A 167 0.40 3.79 1.74
CA THR A 167 -0.64 3.04 2.42
C THR A 167 -1.60 2.42 1.42
N TYR A 168 -1.92 3.12 0.36
CA TYR A 168 -2.75 2.59 -0.72
C TYR A 168 -1.92 1.62 -1.56
N GLY A 169 -2.50 1.14 -2.65
CA GLY A 169 -1.82 0.16 -3.48
C GLY A 169 -0.64 0.75 -4.22
N VAL A 170 -0.16 -0.02 -5.20
CA VAL A 170 0.94 0.44 -6.03
C VAL A 170 0.54 1.61 -6.91
N GLY A 171 -0.76 1.87 -7.04
CA GLY A 171 -1.22 3.00 -7.83
C GLY A 171 -0.91 4.34 -7.22
N HIS A 172 -0.45 4.38 -5.98
CA HIS A 172 -0.07 5.60 -5.30
C HIS A 172 1.37 5.53 -4.80
N GLN A 173 2.24 4.90 -5.59
CA GLN A 173 3.64 4.73 -5.23
C GLN A 173 4.53 5.25 -6.34
N PRO A 174 5.73 5.73 -5.99
CA PRO A 174 6.62 6.30 -7.01
C PRO A 174 7.28 5.21 -7.85
N TYR A 175 7.06 5.29 -9.16
CA TYR A 175 7.67 4.40 -10.13
C TYR A 175 8.71 5.18 -10.91
N ARG A 176 9.91 4.63 -11.02
CA ARG A 176 10.95 5.26 -11.81
C ARG A 176 10.86 4.76 -13.24
N VAL A 177 10.94 5.69 -14.20
CA VAL A 177 10.71 5.40 -15.60
C VAL A 177 11.91 5.88 -16.41
N VAL A 178 12.40 5.03 -17.29
CA VAL A 178 13.47 5.36 -18.23
C VAL A 178 13.02 4.97 -19.63
N VAL A 179 13.01 5.93 -20.54
CA VAL A 179 12.58 5.73 -21.92
C VAL A 179 13.82 5.78 -22.80
N LEU A 180 14.03 4.73 -23.59
CA LEU A 180 15.13 4.66 -24.54
C LEU A 180 14.58 4.87 -25.94
N SER A 181 15.16 5.81 -26.65
CA SER A 181 14.79 6.11 -28.03
C SER A 181 15.94 5.69 -28.93
N PHE A 182 15.72 4.65 -29.73
CA PHE A 182 16.65 4.29 -30.79
C PHE A 182 16.32 5.09 -32.04
N GLU A 183 16.95 4.71 -33.15
CA GLU A 183 16.67 5.33 -34.44
C GLU A 183 17.42 4.55 -35.50
N LEU A 184 17.29 5.00 -36.75
CA LEU A 184 18.02 4.43 -37.87
C LEU A 184 18.20 5.52 -38.91
N LEU A 185 19.43 6.02 -39.05
CA LEU A 185 19.70 7.14 -39.94
C LEU A 185 20.93 6.90 -40.81
N HIS A 186 21.40 7.95 -41.49
CA HIS A 186 22.52 7.82 -42.40
C HIS A 186 23.82 7.48 -41.69
N ALA A 187 23.97 7.84 -40.42
CA ALA A 187 25.19 7.54 -39.69
C ALA A 187 25.34 6.03 -39.50
N PRO A 188 26.56 5.51 -39.59
CA PRO A 188 26.75 4.07 -39.41
C PRO A 188 26.52 3.67 -37.97
N ALA A 189 26.37 2.36 -37.77
CA ALA A 189 26.05 1.83 -36.45
C ALA A 189 27.15 2.15 -35.44
N THR A 190 26.73 2.53 -34.24
CA THR A 190 27.67 2.86 -33.17
C THR A 190 27.31 2.26 -31.82
N VAL A 191 26.08 1.79 -31.62
CA VAL A 191 25.67 1.15 -30.38
C VAL A 191 25.08 -0.21 -30.74
N CYS A 192 25.66 -1.27 -30.20
CA CYS A 192 25.23 -2.63 -30.50
C CYS A 192 25.25 -3.47 -29.24
N GLY A 193 24.47 -4.54 -29.24
CA GLY A 193 24.47 -5.47 -28.14
C GLY A 193 25.65 -6.42 -28.20
N PRO A 194 25.77 -7.26 -27.17
CA PRO A 194 26.85 -8.23 -27.09
C PRO A 194 26.55 -9.51 -27.88
N ASN B 1 -32.03 -34.48 -14.81
CA ASN B 1 -30.73 -34.14 -14.24
C ASN B 1 -30.31 -32.72 -14.65
N LEU B 2 -31.00 -31.72 -14.11
CA LEU B 2 -30.65 -30.33 -14.40
C LEU B 2 -29.36 -29.96 -13.70
N CYS B 3 -28.58 -29.09 -14.34
CA CYS B 3 -27.30 -28.70 -13.78
C CYS B 3 -27.51 -27.85 -12.52
N PRO B 4 -26.57 -27.92 -11.58
CA PRO B 4 -26.72 -27.19 -10.31
C PRO B 4 -26.32 -25.71 -10.43
N PHE B 5 -27.03 -25.01 -11.30
CA PHE B 5 -26.82 -23.57 -11.43
C PHE B 5 -27.43 -22.78 -10.28
N ASP B 6 -28.56 -23.24 -9.73
CA ASP B 6 -29.26 -22.45 -8.73
C ASP B 6 -28.43 -22.30 -7.45
N GLU B 7 -27.78 -23.39 -7.01
CA GLU B 7 -27.02 -23.31 -5.76
C GLU B 7 -25.80 -22.42 -5.92
N VAL B 8 -25.18 -22.44 -7.10
CA VAL B 8 -24.04 -21.55 -7.35
C VAL B 8 -24.50 -20.10 -7.47
N PHE B 9 -25.64 -19.87 -8.12
CA PHE B 9 -26.12 -18.52 -8.39
C PHE B 9 -26.94 -17.94 -7.24
N ASN B 10 -27.85 -18.71 -6.68
CA ASN B 10 -28.73 -18.24 -5.62
C ASN B 10 -28.14 -18.49 -4.24
N ALA B 11 -26.81 -18.61 -4.16
CA ALA B 11 -26.14 -18.75 -2.86
C ALA B 11 -26.24 -17.45 -2.09
N THR B 12 -26.47 -17.57 -0.78
CA THR B 12 -26.64 -16.38 0.05
C THR B 12 -25.36 -15.60 0.19
N ARG B 13 -24.22 -16.28 0.33
CA ARG B 13 -22.94 -15.63 0.55
C ARG B 13 -21.94 -16.11 -0.49
N PHE B 14 -21.29 -15.17 -1.16
CA PHE B 14 -20.24 -15.50 -2.12
C PHE B 14 -18.87 -15.34 -1.50
N ALA B 15 -17.89 -16.00 -2.11
CA ALA B 15 -16.53 -15.96 -1.61
C ALA B 15 -15.90 -14.59 -1.84
N SER B 16 -14.91 -14.28 -1.02
CA SER B 16 -14.08 -13.12 -1.27
C SER B 16 -13.28 -13.34 -2.55
N VAL B 17 -12.93 -12.24 -3.22
CA VAL B 17 -12.34 -12.34 -4.55
C VAL B 17 -11.01 -13.08 -4.50
N TYR B 18 -10.22 -12.87 -3.44
CA TYR B 18 -8.92 -13.53 -3.38
C TYR B 18 -9.07 -15.03 -3.17
N ALA B 19 -9.94 -15.45 -2.26
CA ALA B 19 -10.23 -16.87 -2.04
C ALA B 19 -11.53 -17.27 -2.75
N TRP B 20 -11.51 -17.17 -4.07
CA TRP B 20 -12.69 -17.48 -4.87
C TRP B 20 -12.99 -18.97 -4.85
N ASN B 21 -14.28 -19.29 -4.94
CA ASN B 21 -14.69 -20.69 -5.01
C ASN B 21 -14.43 -21.26 -6.39
N ARG B 22 -14.45 -22.59 -6.46
CA ARG B 22 -14.31 -23.32 -7.70
C ARG B 22 -15.23 -24.53 -7.66
N LYS B 23 -16.13 -24.62 -8.64
CA LYS B 23 -17.12 -25.69 -8.69
C LYS B 23 -17.02 -26.38 -10.04
N ARG B 24 -17.25 -27.69 -10.06
CA ARG B 24 -17.23 -28.47 -11.28
C ARG B 24 -18.66 -28.83 -11.66
N ILE B 25 -19.02 -28.60 -12.92
CA ILE B 25 -20.33 -28.95 -13.45
C ILE B 25 -20.13 -30.09 -14.44
N SER B 26 -20.78 -31.22 -14.19
CA SER B 26 -20.63 -32.37 -15.07
C SER B 26 -21.85 -33.27 -14.95
N ASN B 27 -22.10 -34.03 -16.00
CA ASN B 27 -23.20 -34.98 -16.08
C ASN B 27 -24.54 -34.34 -15.71
N CYS B 28 -24.93 -33.37 -16.50
CA CYS B 28 -26.21 -32.69 -16.32
C CYS B 28 -26.56 -31.92 -17.58
N VAL B 29 -27.83 -31.54 -17.67
CA VAL B 29 -28.30 -30.66 -18.74
C VAL B 29 -28.32 -29.24 -18.20
N ALA B 30 -27.73 -28.32 -18.95
CA ALA B 30 -27.60 -26.92 -18.53
C ALA B 30 -28.59 -26.08 -19.32
N ASP B 31 -29.39 -25.29 -18.61
CA ASP B 31 -30.36 -24.40 -19.23
C ASP B 31 -29.99 -22.95 -18.89
N TYR B 32 -30.18 -22.06 -19.87
CA TYR B 32 -29.80 -20.66 -19.71
C TYR B 32 -30.97 -19.72 -19.57
N SER B 33 -32.20 -20.17 -19.87
CA SER B 33 -33.35 -19.28 -19.71
C SER B 33 -33.62 -18.97 -18.25
N VAL B 34 -33.20 -19.85 -17.34
CA VAL B 34 -33.44 -19.62 -15.91
C VAL B 34 -32.55 -18.49 -15.40
N LEU B 35 -31.44 -18.21 -16.06
CA LEU B 35 -30.50 -17.23 -15.52
C LEU B 35 -30.98 -15.82 -15.83
N TYR B 36 -32.26 -15.56 -15.60
CA TYR B 36 -32.91 -14.26 -15.65
C TYR B 36 -33.64 -13.96 -14.34
N ASN B 37 -34.27 -14.96 -13.74
CA ASN B 37 -34.99 -14.80 -12.49
C ASN B 37 -34.06 -14.90 -11.29
N LEU B 38 -33.04 -15.77 -11.38
CA LEU B 38 -32.09 -15.92 -10.29
C LEU B 38 -31.08 -14.77 -10.22
N ALA B 39 -30.77 -14.15 -11.37
CA ALA B 39 -29.78 -13.07 -11.45
C ALA B 39 -30.39 -11.88 -12.16
N PRO B 40 -30.91 -10.90 -11.42
CA PRO B 40 -31.38 -9.67 -12.08
C PRO B 40 -30.21 -8.77 -12.46
N PHE B 41 -30.43 -7.95 -13.48
CA PHE B 41 -29.44 -7.00 -13.99
C PHE B 41 -28.13 -7.69 -14.39
N PHE B 42 -28.25 -8.91 -14.91
CA PHE B 42 -27.06 -9.64 -15.30
C PHE B 42 -26.46 -9.03 -16.55
N THR B 43 -25.18 -9.34 -16.78
CA THR B 43 -24.44 -8.81 -17.93
C THR B 43 -23.57 -9.92 -18.47
N PHE B 44 -23.98 -10.52 -19.58
CA PHE B 44 -23.37 -11.78 -20.02
C PHE B 44 -22.42 -11.55 -21.19
N LYS B 45 -21.79 -10.38 -21.25
CA LYS B 45 -20.71 -10.19 -22.20
C LYS B 45 -19.65 -11.26 -21.96
N CYS B 46 -19.25 -11.96 -23.00
CA CYS B 46 -18.46 -13.15 -22.77
C CYS B 46 -17.66 -13.52 -24.02
N TYR B 47 -16.81 -14.53 -23.88
CA TYR B 47 -15.71 -14.79 -24.79
C TYR B 47 -15.74 -16.26 -25.21
N GLY B 48 -15.27 -16.54 -26.42
CA GLY B 48 -15.01 -17.90 -26.85
C GLY B 48 -16.17 -18.62 -27.49
N VAL B 49 -17.39 -18.13 -27.34
CA VAL B 49 -18.56 -18.81 -27.89
C VAL B 49 -19.69 -17.79 -28.00
N SER B 50 -20.49 -17.93 -29.06
CA SER B 50 -21.62 -17.02 -29.27
C SER B 50 -22.72 -17.31 -28.25
N PRO B 51 -23.15 -16.30 -27.50
CA PRO B 51 -24.19 -16.56 -26.48
C PRO B 51 -25.52 -17.01 -27.05
N THR B 52 -25.87 -16.57 -28.27
CA THR B 52 -27.18 -16.89 -28.82
C THR B 52 -27.33 -18.38 -29.10
N LYS B 53 -26.25 -19.04 -29.52
CA LYS B 53 -26.31 -20.46 -29.87
C LYS B 53 -25.83 -21.37 -28.75
N LEU B 54 -25.76 -20.89 -27.51
CA LEU B 54 -25.38 -21.75 -26.40
C LEU B 54 -26.40 -22.86 -26.15
N ASN B 55 -27.63 -22.71 -26.65
CA ASN B 55 -28.67 -23.69 -26.38
C ASN B 55 -28.34 -25.03 -27.02
N ASP B 56 -27.99 -25.02 -28.30
CA ASP B 56 -27.68 -26.26 -29.03
C ASP B 56 -26.17 -26.45 -29.14
N LEU B 57 -25.58 -26.91 -28.04
CA LEU B 57 -24.15 -27.22 -28.00
C LEU B 57 -23.87 -28.04 -26.75
N CYS B 58 -22.78 -28.81 -26.80
CA CYS B 58 -22.36 -29.66 -25.70
C CYS B 58 -21.01 -29.22 -25.20
N PHE B 59 -20.83 -29.19 -23.89
CA PHE B 59 -19.59 -28.77 -23.24
C PHE B 59 -18.97 -29.95 -22.51
N THR B 60 -17.66 -30.15 -22.71
CA THR B 60 -17.01 -31.33 -22.14
C THR B 60 -16.81 -31.20 -20.63
N ASN B 61 -16.37 -30.03 -20.17
CA ASN B 61 -16.19 -29.83 -18.74
C ASN B 61 -16.34 -28.35 -18.44
N VAL B 62 -17.08 -28.04 -17.37
CA VAL B 62 -17.44 -26.68 -17.03
C VAL B 62 -16.97 -26.38 -15.61
N TYR B 63 -16.30 -25.25 -15.43
CA TYR B 63 -15.91 -24.78 -14.11
C TYR B 63 -16.65 -23.48 -13.82
N ALA B 64 -17.18 -23.36 -12.62
CA ALA B 64 -17.87 -22.15 -12.18
C ALA B 64 -17.09 -21.52 -11.03
N ASP B 65 -16.70 -20.26 -11.18
CA ASP B 65 -15.96 -19.54 -10.17
C ASP B 65 -16.74 -18.30 -9.78
N SER B 66 -17.03 -18.15 -8.49
CA SER B 66 -17.89 -17.06 -8.02
C SER B 66 -17.18 -16.21 -6.99
N PHE B 67 -17.41 -14.90 -7.04
CA PHE B 67 -16.88 -13.99 -6.03
C PHE B 67 -17.66 -12.68 -6.07
N VAL B 68 -17.25 -11.73 -5.26
CA VAL B 68 -17.88 -10.42 -5.14
C VAL B 68 -16.82 -9.35 -5.28
N ILE B 69 -17.05 -8.37 -6.16
CA ILE B 69 -16.10 -7.30 -6.40
C ILE B 69 -16.86 -5.97 -6.45
N ARG B 70 -16.12 -4.90 -6.73
CA ARG B 70 -16.73 -3.59 -6.87
C ARG B 70 -17.36 -3.43 -8.24
N GLY B 71 -18.22 -2.42 -8.37
CA GLY B 71 -18.90 -2.21 -9.63
C GLY B 71 -17.95 -1.78 -10.75
N ASP B 72 -17.04 -0.86 -10.46
CA ASP B 72 -16.17 -0.33 -11.50
C ASP B 72 -15.06 -1.29 -11.86
N GLU B 73 -14.80 -2.29 -11.04
CA GLU B 73 -13.73 -3.25 -11.29
C GLU B 73 -14.18 -4.43 -12.13
N VAL B 74 -15.46 -4.50 -12.50
CA VAL B 74 -15.96 -5.65 -13.25
C VAL B 74 -15.30 -5.74 -14.62
N ARG B 75 -14.85 -4.61 -15.17
CA ARG B 75 -14.14 -4.63 -16.44
C ARG B 75 -12.79 -5.30 -16.34
N GLN B 76 -12.27 -5.52 -15.14
CA GLN B 76 -10.99 -6.19 -14.96
C GLN B 76 -11.08 -7.70 -15.14
N ILE B 77 -12.28 -8.26 -15.14
CA ILE B 77 -12.47 -9.70 -15.32
C ILE B 77 -12.65 -9.92 -16.81
N ALA B 78 -11.53 -10.04 -17.52
CA ALA B 78 -11.52 -10.24 -18.97
C ALA B 78 -10.12 -10.62 -19.37
N PRO B 79 -9.95 -11.44 -20.41
CA PRO B 79 -8.60 -11.84 -20.82
C PRO B 79 -7.75 -10.65 -21.21
N GLY B 80 -6.50 -10.67 -20.78
CA GLY B 80 -5.54 -9.64 -21.16
C GLY B 80 -5.67 -8.34 -20.40
N GLN B 81 -6.61 -8.22 -19.46
CA GLN B 81 -6.76 -6.99 -18.70
C GLN B 81 -5.71 -6.90 -17.62
N THR B 82 -5.36 -5.66 -17.26
CA THR B 82 -4.35 -5.38 -16.24
C THR B 82 -4.95 -4.49 -15.18
N GLY B 83 -4.72 -4.85 -13.92
CA GLY B 83 -5.25 -4.08 -12.81
C GLY B 83 -5.01 -4.82 -11.51
N ASN B 84 -5.59 -4.27 -10.44
CA ASN B 84 -5.42 -4.86 -9.12
C ASN B 84 -6.03 -6.25 -9.06
N ILE B 85 -7.31 -6.37 -9.44
CA ILE B 85 -7.98 -7.67 -9.38
C ILE B 85 -7.34 -8.67 -10.31
N ALA B 86 -7.01 -8.24 -11.53
CA ALA B 86 -6.43 -9.16 -12.50
C ALA B 86 -5.05 -9.65 -12.07
N ASP B 87 -4.25 -8.78 -11.45
CA ASP B 87 -2.89 -9.16 -11.10
C ASP B 87 -2.81 -9.94 -9.79
N TYR B 88 -3.50 -9.50 -8.74
CA TYR B 88 -3.27 -10.04 -7.42
C TYR B 88 -4.38 -10.97 -6.92
N ASN B 89 -5.53 -11.01 -7.59
CA ASN B 89 -6.65 -11.79 -7.07
C ASN B 89 -7.12 -12.86 -8.03
N TYR B 90 -7.35 -12.53 -9.30
CA TYR B 90 -7.93 -13.47 -10.25
C TYR B 90 -7.42 -13.12 -11.65
N LYS B 91 -6.59 -13.98 -12.22
CA LYS B 91 -6.00 -13.76 -13.53
C LYS B 91 -6.58 -14.78 -14.50
N LEU B 92 -7.07 -14.30 -15.65
CA LEU B 92 -7.62 -15.20 -16.64
C LEU B 92 -6.64 -15.44 -17.77
N PRO B 93 -6.59 -16.66 -18.31
CA PRO B 93 -5.68 -16.93 -19.43
C PRO B 93 -6.07 -16.13 -20.66
N ASP B 94 -5.07 -15.82 -21.49
CA ASP B 94 -5.31 -15.00 -22.67
C ASP B 94 -6.23 -15.71 -23.65
N ASP B 95 -6.02 -17.01 -23.87
CA ASP B 95 -6.88 -17.80 -24.74
C ASP B 95 -8.06 -18.39 -23.98
N PHE B 96 -8.79 -17.53 -23.28
CA PHE B 96 -9.85 -17.99 -22.41
C PHE B 96 -11.07 -18.40 -23.22
N THR B 97 -11.75 -19.44 -22.76
CA THR B 97 -13.02 -19.88 -23.31
C THR B 97 -14.03 -20.03 -22.18
N GLY B 98 -15.26 -19.60 -22.44
CA GLY B 98 -16.30 -19.57 -21.43
C GLY B 98 -16.81 -18.16 -21.23
N CYS B 99 -17.91 -18.06 -20.51
CA CYS B 99 -18.63 -16.80 -20.42
C CYS B 99 -18.69 -16.30 -18.98
N VAL B 100 -18.60 -14.98 -18.82
CA VAL B 100 -18.63 -14.35 -17.51
C VAL B 100 -19.96 -13.62 -17.34
N ILE B 101 -20.50 -13.65 -16.13
CA ILE B 101 -21.76 -13.00 -15.79
C ILE B 101 -21.53 -12.18 -14.54
N ALA B 102 -22.05 -10.95 -14.53
CA ALA B 102 -21.95 -10.11 -13.36
C ALA B 102 -23.29 -9.45 -13.13
N TRP B 103 -23.72 -9.38 -11.86
CA TRP B 103 -24.98 -8.72 -11.56
C TRP B 103 -24.87 -7.94 -10.28
N ASN B 104 -25.54 -6.79 -10.24
CA ASN B 104 -25.55 -5.95 -9.05
C ASN B 104 -26.22 -6.68 -7.91
N SER B 105 -25.65 -6.55 -6.72
CA SER B 105 -26.19 -7.18 -5.52
C SER B 105 -26.15 -6.22 -4.35
N ASN B 106 -26.54 -4.96 -4.59
CA ASN B 106 -26.60 -4.01 -3.50
C ASN B 106 -27.62 -4.42 -2.45
N LYS B 107 -28.78 -4.92 -2.87
CA LYS B 107 -29.82 -5.32 -1.93
C LYS B 107 -29.42 -6.53 -1.10
N LEU B 108 -28.45 -7.32 -1.55
CA LEU B 108 -28.05 -8.53 -0.85
C LEU B 108 -26.80 -8.38 -0.02
N ASP B 109 -25.84 -7.56 -0.46
CA ASP B 109 -24.52 -7.53 0.16
C ASP B 109 -24.12 -6.12 0.58
N SER B 110 -25.08 -5.35 1.10
CA SER B 110 -24.80 -4.03 1.67
C SER B 110 -25.47 -3.94 3.02
N LYS B 111 -24.72 -3.50 4.03
CA LYS B 111 -25.21 -3.41 5.40
C LYS B 111 -25.15 -1.96 5.87
N VAL B 112 -26.07 -1.62 6.77
CA VAL B 112 -26.14 -0.25 7.29
C VAL B 112 -24.87 0.09 8.04
N SER B 113 -24.39 -0.83 8.90
CA SER B 113 -23.17 -0.58 9.65
C SER B 113 -21.97 -0.50 8.73
N GLY B 114 -21.92 -1.35 7.70
CA GLY B 114 -20.80 -1.37 6.79
C GLY B 114 -20.26 -2.77 6.60
N ASN B 115 -20.11 -3.20 5.35
CA ASN B 115 -19.66 -4.55 5.07
C ASN B 115 -18.15 -4.63 5.23
N TYR B 116 -17.70 -5.39 6.22
CA TYR B 116 -16.23 -5.53 6.47
C TYR B 116 -15.82 -6.99 6.36
N ASN B 117 -16.64 -7.82 5.70
CA ASN B 117 -16.33 -9.24 5.59
C ASN B 117 -15.77 -9.64 4.24
N TYR B 118 -15.90 -8.79 3.21
CA TYR B 118 -15.38 -9.09 1.90
C TYR B 118 -13.99 -8.48 1.76
N LEU B 119 -13.00 -9.31 1.46
CA LEU B 119 -11.61 -8.90 1.45
C LEU B 119 -11.01 -9.09 0.06
N TYR B 120 -9.97 -8.33 -0.22
CA TYR B 120 -9.23 -8.43 -1.47
C TYR B 120 -7.76 -8.18 -1.20
N ARG B 121 -6.91 -8.92 -1.92
CA ARG B 121 -5.47 -8.79 -1.78
C ARG B 121 -5.00 -7.52 -2.44
N LEU B 122 -4.16 -6.77 -1.75
CA LEU B 122 -3.68 -5.48 -2.25
C LEU B 122 -2.19 -5.44 -2.51
N PHE B 123 -1.39 -6.22 -1.78
CA PHE B 123 0.05 -6.26 -1.96
C PHE B 123 0.48 -7.66 -2.32
N ARG B 124 1.43 -7.77 -3.25
CA ARG B 124 1.86 -9.07 -3.74
C ARG B 124 3.19 -8.89 -4.45
N LYS B 125 4.07 -9.88 -4.31
CA LYS B 125 5.41 -9.79 -4.90
C LYS B 125 5.34 -9.73 -6.41
N SER B 126 4.52 -10.58 -7.04
CA SER B 126 4.47 -10.66 -8.49
C SER B 126 3.08 -11.07 -8.93
N ASN B 127 2.77 -10.77 -10.18
CA ASN B 127 1.43 -11.01 -10.70
C ASN B 127 1.11 -12.50 -10.75
N LEU B 128 -0.16 -12.82 -10.54
CA LEU B 128 -0.62 -14.20 -10.59
C LEU B 128 -0.59 -14.73 -12.02
N LYS B 129 -0.13 -15.96 -12.18
CA LYS B 129 -0.34 -16.67 -13.42
C LYS B 129 -1.81 -17.07 -13.51
N PRO B 130 -2.31 -17.36 -14.72
CA PRO B 130 -3.74 -17.65 -14.86
C PRO B 130 -4.19 -18.80 -13.97
N PHE B 131 -5.34 -18.60 -13.32
CA PHE B 131 -5.97 -19.61 -12.48
C PHE B 131 -5.06 -20.05 -11.34
N GLU B 132 -4.82 -19.14 -10.40
CA GLU B 132 -4.01 -19.49 -9.21
C GLU B 132 -4.50 -18.65 -8.02
N ARG B 133 -4.79 -19.30 -6.89
CA ARG B 133 -5.32 -18.57 -5.70
C ARG B 133 -4.21 -18.44 -4.65
N ASP B 134 -4.00 -17.23 -4.13
CA ASP B 134 -2.95 -16.99 -3.10
C ASP B 134 -3.62 -16.73 -1.76
N ILE B 135 -3.70 -17.77 -0.91
CA ILE B 135 -4.36 -17.63 0.38
C ILE B 135 -3.39 -17.26 1.48
N SER B 136 -2.15 -16.92 1.14
CA SER B 136 -1.17 -16.54 2.14
C SER B 136 -1.55 -15.23 2.79
N THR B 137 -1.24 -15.11 4.09
CA THR B 137 -1.49 -13.91 4.86
C THR B 137 -0.20 -13.29 5.38
N GLU B 138 0.94 -13.65 4.78
CA GLU B 138 2.22 -13.18 5.28
C GLU B 138 2.32 -11.66 5.18
N ILE B 139 2.92 -11.04 6.20
CA ILE B 139 3.03 -9.59 6.22
C ILE B 139 3.91 -9.13 5.06
N TYR B 140 3.56 -7.99 4.47
CA TYR B 140 4.25 -7.49 3.29
C TYR B 140 5.34 -6.52 3.70
N GLN B 141 6.54 -6.72 3.16
CA GLN B 141 7.70 -5.88 3.46
C GLN B 141 7.89 -4.91 2.30
N ALA B 142 7.49 -3.66 2.49
CA ALA B 142 7.56 -2.65 1.45
C ALA B 142 8.78 -1.74 1.58
N GLY B 143 9.63 -1.96 2.58
CA GLY B 143 10.79 -1.12 2.78
C GLY B 143 12.09 -1.90 2.73
N ASN B 144 13.00 -1.60 3.65
CA ASN B 144 14.29 -2.27 3.73
C ASN B 144 14.48 -3.07 5.00
N LYS B 145 14.01 -2.56 6.13
CA LYS B 145 14.08 -3.33 7.37
C LYS B 145 13.03 -4.43 7.37
N PRO B 146 13.38 -5.65 7.78
CA PRO B 146 12.39 -6.73 7.81
C PRO B 146 11.25 -6.42 8.76
N CYS B 147 10.04 -6.86 8.39
CA CYS B 147 8.86 -6.62 9.22
C CYS B 147 8.91 -7.45 10.50
N ASN B 148 9.27 -8.73 10.39
CA ASN B 148 9.31 -9.65 11.53
C ASN B 148 7.95 -9.73 12.23
N GLY B 149 6.86 -9.69 11.45
CA GLY B 149 5.52 -9.80 11.99
C GLY B 149 4.92 -8.50 12.47
N VAL B 150 5.69 -7.41 12.47
CA VAL B 150 5.17 -6.12 12.90
C VAL B 150 4.54 -5.41 11.71
N ALA B 151 3.44 -4.69 11.97
CA ALA B 151 2.65 -4.05 10.91
C ALA B 151 2.80 -2.54 10.93
N GLY B 152 4.02 -2.05 11.18
CA GLY B 152 4.26 -0.62 11.19
C GLY B 152 4.34 -0.01 9.81
N PHE B 153 5.02 1.13 9.69
CA PHE B 153 5.19 1.76 8.39
C PHE B 153 6.12 0.93 7.52
N ASN B 154 5.85 0.93 6.21
CA ASN B 154 6.52 0.03 5.25
C ASN B 154 6.32 -1.44 5.62
N CYS B 155 5.26 -1.75 6.33
CA CYS B 155 4.91 -3.13 6.67
C CYS B 155 3.39 -3.20 6.73
N TYR B 156 2.77 -3.58 5.62
CA TYR B 156 1.32 -3.54 5.49
C TYR B 156 0.75 -4.94 5.38
N PHE B 157 -0.44 -5.10 5.93
CA PHE B 157 -1.17 -6.36 5.80
C PHE B 157 -1.64 -6.53 4.36
N PRO B 158 -1.36 -7.67 3.72
CA PRO B 158 -1.62 -7.79 2.28
C PRO B 158 -3.09 -7.72 1.90
N LEU B 159 -4.01 -8.00 2.82
CA LEU B 159 -5.43 -8.05 2.51
C LEU B 159 -6.14 -6.84 3.10
N ARG B 160 -6.96 -6.20 2.29
CA ARG B 160 -7.78 -5.08 2.71
C ARG B 160 -9.25 -5.48 2.61
N SER B 161 -10.12 -4.69 3.21
CA SER B 161 -11.55 -4.95 3.22
C SER B 161 -12.25 -4.00 2.26
N TYR B 162 -13.32 -4.48 1.64
CA TYR B 162 -14.10 -3.64 0.74
C TYR B 162 -14.95 -2.67 1.56
N SER B 163 -14.75 -1.38 1.32
CA SER B 163 -15.54 -0.33 1.97
C SER B 163 -16.62 0.11 1.00
N PHE B 164 -17.66 -0.72 0.89
CA PHE B 164 -18.76 -0.42 -0.01
C PHE B 164 -19.46 0.87 0.43
N ARG B 165 -19.70 1.75 -0.53
CA ARG B 165 -20.38 3.03 -0.27
C ARG B 165 -21.52 3.13 -1.27
N PRO B 166 -22.68 2.56 -0.95
CA PRO B 166 -23.82 2.62 -1.88
C PRO B 166 -24.31 4.03 -2.15
N THR B 167 -23.99 5.00 -1.29
CA THR B 167 -24.44 6.37 -1.52
C THR B 167 -23.83 6.94 -2.80
N TYR B 168 -22.63 6.48 -3.16
CA TYR B 168 -22.01 6.90 -4.41
C TYR B 168 -22.58 6.06 -5.56
N GLY B 169 -21.96 6.15 -6.73
CA GLY B 169 -22.48 5.50 -7.91
C GLY B 169 -22.32 3.99 -7.84
N VAL B 170 -22.75 3.35 -8.94
CA VAL B 170 -22.67 1.90 -9.03
C VAL B 170 -21.23 1.40 -9.05
N GLY B 171 -20.27 2.31 -9.23
CA GLY B 171 -18.88 1.91 -9.11
C GLY B 171 -18.44 1.65 -7.69
N HIS B 172 -19.28 1.99 -6.71
CA HIS B 172 -18.98 1.75 -5.31
C HIS B 172 -19.99 0.79 -4.69
N GLN B 173 -20.45 -0.18 -5.47
CA GLN B 173 -21.46 -1.11 -5.02
C GLN B 173 -21.01 -2.54 -5.27
N PRO B 174 -21.45 -3.49 -4.45
CA PRO B 174 -20.98 -4.87 -4.59
C PRO B 174 -21.68 -5.57 -5.76
N TYR B 175 -20.89 -6.05 -6.71
CA TYR B 175 -21.37 -6.83 -7.84
C TYR B 175 -20.91 -8.26 -7.69
N ARG B 176 -21.82 -9.20 -7.85
CA ARG B 176 -21.50 -10.61 -7.77
C ARG B 176 -21.15 -11.12 -9.16
N VAL B 177 -20.02 -11.81 -9.28
CA VAL B 177 -19.46 -12.24 -10.55
C VAL B 177 -19.33 -13.75 -10.54
N VAL B 178 -19.84 -14.39 -11.59
CA VAL B 178 -19.73 -15.82 -11.80
C VAL B 178 -19.14 -16.07 -13.18
N VAL B 179 -18.04 -16.79 -13.23
CA VAL B 179 -17.29 -17.05 -14.45
C VAL B 179 -17.42 -18.53 -14.77
N LEU B 180 -17.88 -18.83 -15.98
CA LEU B 180 -17.97 -20.19 -16.48
C LEU B 180 -16.83 -20.44 -17.45
N SER B 181 -16.03 -21.45 -17.18
CA SER B 181 -14.92 -21.86 -18.02
C SER B 181 -15.35 -23.14 -18.74
N PHE B 182 -15.51 -23.03 -20.06
CA PHE B 182 -15.84 -24.16 -20.91
C PHE B 182 -14.55 -24.78 -21.44
N GLU B 183 -14.70 -25.75 -22.33
CA GLU B 183 -13.59 -26.33 -23.07
C GLU B 183 -14.13 -27.34 -24.07
N LEU B 184 -13.23 -27.94 -24.83
CA LEU B 184 -13.56 -29.00 -25.77
C LEU B 184 -12.35 -29.90 -25.91
N LEU B 185 -12.47 -31.15 -25.42
CA LEU B 185 -11.31 -32.03 -25.32
C LEU B 185 -11.61 -33.40 -25.90
N HIS B 186 -10.69 -34.35 -25.67
CA HIS B 186 -10.86 -35.71 -26.19
C HIS B 186 -12.00 -36.46 -25.54
N ALA B 187 -12.43 -36.04 -24.36
CA ALA B 187 -13.53 -36.72 -23.69
C ALA B 187 -14.83 -36.50 -24.44
N PRO B 188 -15.73 -37.48 -24.46
CA PRO B 188 -17.04 -37.27 -25.10
C PRO B 188 -17.86 -36.26 -24.33
N ALA B 189 -18.81 -35.66 -25.04
CA ALA B 189 -19.64 -34.63 -24.45
C ALA B 189 -20.45 -35.17 -23.28
N THR B 190 -20.51 -34.38 -22.21
CA THR B 190 -21.30 -34.75 -21.04
C THR B 190 -22.21 -33.65 -20.53
N VAL B 191 -21.93 -32.38 -20.82
CA VAL B 191 -22.77 -31.26 -20.41
C VAL B 191 -23.32 -30.63 -21.67
N CYS B 192 -24.63 -30.66 -21.83
CA CYS B 192 -25.28 -30.18 -23.03
C CYS B 192 -26.48 -29.31 -22.66
N GLY B 193 -26.91 -28.49 -23.61
CA GLY B 193 -28.07 -27.65 -23.40
C GLY B 193 -29.36 -28.41 -23.55
N PRO B 194 -30.48 -27.68 -23.45
CA PRO B 194 -31.81 -28.27 -23.60
C PRO B 194 -32.19 -28.54 -25.04
N ASP C 1 31.86 15.97 -11.39
CA ASP C 1 30.60 15.79 -12.11
C ASP C 1 29.92 17.13 -12.38
N ILE C 2 29.09 17.56 -11.45
CA ILE C 2 28.32 18.80 -11.60
C ILE C 2 29.10 19.93 -10.94
N VAL C 3 29.41 20.96 -11.73
CA VAL C 3 30.10 22.15 -11.24
C VAL C 3 29.14 23.32 -11.44
N MET C 4 28.95 24.10 -10.37
CA MET C 4 27.94 25.15 -10.37
C MET C 4 28.60 26.52 -10.24
N THR C 5 27.94 27.52 -10.80
CA THR C 5 28.42 28.89 -10.72
C THR C 5 27.28 29.80 -10.31
N GLN C 6 27.62 30.89 -9.64
CA GLN C 6 26.64 31.86 -9.16
C GLN C 6 27.09 33.25 -9.56
N THR C 7 26.14 34.06 -10.04
CA THR C 7 26.44 35.40 -10.52
C THR C 7 25.30 36.31 -10.09
N PRO C 8 25.58 37.62 -9.89
CA PRO C 8 26.87 38.29 -9.85
C PRO C 8 27.59 38.09 -8.53
N ALA C 9 28.86 38.51 -8.47
CA ALA C 9 29.61 38.39 -7.22
C ALA C 9 29.03 39.31 -6.14
N SER C 10 28.69 40.55 -6.50
CA SER C 10 28.10 41.49 -5.58
C SER C 10 27.07 42.35 -6.28
N VAL C 11 26.02 42.75 -5.56
CA VAL C 11 24.96 43.58 -6.11
C VAL C 11 24.66 44.69 -5.13
N SER C 12 24.04 45.76 -5.64
CA SER C 12 23.62 46.89 -4.82
C SER C 12 22.45 47.57 -5.51
N GLU C 13 21.27 47.51 -4.89
CA GLU C 13 20.06 48.09 -5.44
C GLU C 13 19.30 48.82 -4.35
N PRO C 14 18.54 49.86 -4.71
CA PRO C 14 17.84 50.65 -3.70
C PRO C 14 16.82 49.87 -2.89
N VAL C 15 16.23 50.52 -1.89
CA VAL C 15 15.34 49.82 -0.96
C VAL C 15 14.09 49.33 -1.67
N GLY C 16 13.50 50.14 -2.54
CA GLY C 16 12.29 49.70 -3.21
C GLY C 16 12.49 48.81 -4.39
N GLY C 17 13.74 48.61 -4.82
CA GLY C 17 14.04 47.90 -6.05
C GLY C 17 13.98 46.40 -5.88
N THR C 18 14.37 45.72 -6.95
CA THR C 18 14.41 44.26 -7.01
C THR C 18 15.83 43.82 -7.29
N VAL C 19 16.21 42.68 -6.74
CA VAL C 19 17.52 42.10 -7.03
C VAL C 19 17.32 40.69 -7.55
N THR C 20 18.21 40.29 -8.46
CA THR C 20 18.16 38.96 -9.08
C THR C 20 19.53 38.32 -9.02
N ILE C 21 19.55 37.03 -8.67
CA ILE C 21 20.79 36.25 -8.59
C ILE C 21 20.59 34.99 -9.41
N LYS C 22 21.54 34.70 -10.29
CA LYS C 22 21.45 33.55 -11.18
C LYS C 22 22.43 32.48 -10.73
N CYS C 23 22.03 31.22 -10.84
CA CYS C 23 22.87 30.09 -10.49
C CYS C 23 22.73 29.04 -11.58
N GLN C 24 23.84 28.64 -12.18
CA GLN C 24 23.82 27.74 -13.32
C GLN C 24 24.66 26.50 -13.05
N ALA C 25 24.14 25.35 -13.43
CA ALA C 25 24.79 24.06 -13.22
C ALA C 25 25.35 23.53 -14.53
N SER C 26 26.49 22.82 -14.43
CA SER C 26 27.12 22.28 -15.63
C SER C 26 26.25 21.22 -16.29
N GLU C 27 25.73 20.28 -15.51
CA GLU C 27 24.83 19.25 -16.01
C GLU C 27 23.44 19.48 -15.46
N SER C 28 22.44 18.94 -16.14
CA SER C 28 21.06 19.12 -15.73
C SER C 28 20.84 18.48 -14.36
N ILE C 29 20.38 19.29 -13.40
CA ILE C 29 20.06 18.83 -12.07
C ILE C 29 18.55 18.81 -11.82
N SER C 30 17.77 19.12 -12.84
CA SER C 30 16.31 19.06 -12.79
C SER C 30 15.82 20.05 -11.73
N ASN C 31 15.13 19.61 -10.69
CA ASN C 31 14.48 20.50 -9.74
C ASN C 31 15.23 20.53 -8.40
N TRP C 32 16.24 19.68 -8.24
CA TRP C 32 16.95 19.56 -6.97
C TRP C 32 17.87 20.77 -6.81
N LEU C 33 17.52 21.67 -5.90
CA LEU C 33 18.34 22.83 -5.60
C LEU C 33 17.76 23.54 -4.39
N ALA C 34 18.63 24.23 -3.65
CA ALA C 34 18.20 24.96 -2.47
C ALA C 34 18.95 26.27 -2.37
N TRP C 35 18.25 27.33 -2.02
CA TRP C 35 18.84 28.66 -1.80
C TRP C 35 18.92 28.92 -0.31
N TYR C 36 20.13 29.13 0.18
CA TYR C 36 20.46 29.44 1.56
C TYR C 36 20.88 30.89 1.70
N GLN C 37 20.68 31.44 2.90
CA GLN C 37 21.08 32.80 3.23
C GLN C 37 21.93 32.76 4.49
N GLN C 38 23.06 33.46 4.46
CA GLN C 38 23.96 33.56 5.63
C GLN C 38 24.22 35.03 5.92
N LYS C 39 23.79 35.48 7.08
CA LYS C 39 24.19 36.78 7.59
C LYS C 39 25.59 36.68 8.19
N PRO C 40 26.30 37.80 8.32
CA PRO C 40 27.66 37.75 8.85
C PRO C 40 27.70 37.10 10.24
N GLY C 41 28.66 36.20 10.42
CA GLY C 41 28.85 35.53 11.69
C GLY C 41 27.68 34.71 12.16
N GLN C 42 26.95 34.08 11.23
CA GLN C 42 25.80 33.26 11.55
C GLN C 42 25.84 31.99 10.72
N PRO C 43 25.24 30.91 11.21
CA PRO C 43 25.04 29.74 10.36
C PRO C 43 24.08 30.07 9.23
N PRO C 44 24.25 29.45 8.07
CA PRO C 44 23.33 29.72 6.97
C PRO C 44 21.93 29.22 7.28
N LYS C 45 20.93 29.91 6.73
CA LYS C 45 19.53 29.60 6.94
C LYS C 45 18.90 29.22 5.61
N LEU C 46 18.18 28.11 5.60
CA LEU C 46 17.52 27.66 4.38
C LEU C 46 16.37 28.61 4.03
N LEU C 47 16.34 29.04 2.77
CA LEU C 47 15.27 29.91 2.29
C LEU C 47 14.35 29.21 1.32
N ILE C 48 14.88 28.65 0.22
CA ILE C 48 14.06 28.11 -0.85
C ILE C 48 14.53 26.68 -1.11
N TYR C 49 13.69 25.75 -0.69
CA TYR C 49 14.03 24.34 -0.98
C TYR C 49 13.28 23.96 -2.24
N ALA C 50 13.71 22.91 -2.90
CA ALA C 50 13.07 22.40 -4.11
C ALA C 50 12.88 23.48 -5.16
N ALA C 51 13.64 24.57 -5.06
CA ALA C 51 13.82 25.56 -6.12
C ALA C 51 12.58 26.41 -6.35
N PHE C 52 11.47 26.06 -5.75
CA PHE C 52 10.28 26.91 -5.80
C PHE C 52 9.67 27.14 -4.42
N THR C 53 9.68 26.13 -3.56
CA THR C 53 8.97 26.20 -2.30
C THR C 53 9.70 27.07 -1.30
N LEU C 54 8.97 28.00 -0.67
CA LEU C 54 9.52 28.78 0.42
C LEU C 54 9.63 27.93 1.67
N ALA C 55 10.65 28.22 2.48
CA ALA C 55 10.82 27.52 3.73
C ALA C 55 9.80 28.01 4.76
N SER C 56 9.95 27.55 6.00
CA SER C 56 9.05 27.96 7.06
C SER C 56 9.50 29.28 7.66
N GLY C 57 8.56 30.23 7.75
CA GLY C 57 8.85 31.51 8.37
C GLY C 57 9.64 32.48 7.54
N VAL C 58 9.79 32.23 6.24
CA VAL C 58 10.51 33.15 5.35
C VAL C 58 9.52 34.15 4.77
N PRO C 59 9.88 35.43 4.68
CA PRO C 59 8.94 36.42 4.11
C PRO C 59 8.61 36.10 2.66
N SER C 60 7.39 36.48 2.27
CA SER C 60 6.88 36.20 0.93
C SER C 60 7.37 37.24 -0.08
N ARG C 61 8.69 37.36 -0.16
CA ARG C 61 9.34 38.19 -1.18
C ARG C 61 10.38 37.46 -2.00
N PHE C 62 11.02 36.44 -1.44
CA PHE C 62 12.02 35.66 -2.17
C PHE C 62 11.28 34.69 -3.07
N LYS C 63 11.39 34.88 -4.37
CA LYS C 63 10.75 33.99 -5.34
C LYS C 63 11.82 33.29 -6.15
N GLY C 64 11.69 31.97 -6.28
CA GLY C 64 12.58 31.22 -7.14
C GLY C 64 11.97 30.94 -8.48
N SER C 65 12.83 30.76 -9.48
CA SER C 65 12.34 30.54 -10.84
C SER C 65 13.37 29.75 -11.62
N GLY C 66 12.92 29.14 -12.69
CA GLY C 66 13.78 28.38 -13.57
C GLY C 66 14.03 26.97 -13.05
N SER C 67 14.44 26.10 -13.96
CA SER C 67 14.72 24.71 -13.62
C SER C 67 15.63 24.14 -14.69
N GLY C 68 16.08 22.92 -14.46
CA GLY C 68 16.97 22.24 -15.39
C GLY C 68 18.44 22.55 -15.11
N THR C 69 19.00 23.50 -15.86
CA THR C 69 20.38 23.89 -15.70
C THR C 69 20.57 25.32 -15.21
N GLN C 70 19.56 26.17 -15.33
CA GLN C 70 19.66 27.57 -14.96
C GLN C 70 18.54 27.92 -13.99
N PHE C 71 18.89 28.60 -12.90
CA PHE C 71 17.92 28.98 -11.88
C PHE C 71 18.15 30.44 -11.51
N THR C 72 17.09 31.10 -11.06
CA THR C 72 17.18 32.47 -10.60
C THR C 72 16.43 32.61 -9.29
N LEU C 73 16.92 33.50 -8.43
CA LEU C 73 16.22 33.91 -7.22
C LEU C 73 16.07 35.42 -7.25
N THR C 74 14.88 35.89 -6.88
CA THR C 74 14.58 37.31 -7.01
C THR C 74 13.95 37.81 -5.73
N ILE C 75 14.42 38.96 -5.26
CA ILE C 75 13.77 39.71 -4.21
C ILE C 75 13.08 40.91 -4.85
N ASN C 76 11.76 40.94 -4.74
CA ASN C 76 11.00 42.03 -5.36
C ASN C 76 11.10 43.30 -4.56
N GLY C 77 11.39 43.20 -3.26
CA GLY C 77 11.59 44.38 -2.45
C GLY C 77 12.49 44.10 -1.26
N VAL C 78 13.54 44.90 -1.11
CA VAL C 78 14.45 44.75 0.01
C VAL C 78 14.08 45.77 1.07
N GLU C 79 14.42 45.47 2.33
CA GLU C 79 14.08 46.38 3.42
C GLU C 79 15.22 46.51 4.42
N CYS C 80 16.46 46.39 3.95
CA CYS C 80 17.69 46.54 4.72
C CYS C 80 17.89 45.41 5.72
N ALA C 81 16.94 44.49 5.84
CA ALA C 81 17.09 43.31 6.68
C ALA C 81 17.42 42.07 5.88
N ASP C 82 17.68 42.22 4.58
CA ASP C 82 18.03 41.11 3.71
C ASP C 82 19.44 41.25 3.14
N ALA C 83 20.31 42.01 3.80
CA ALA C 83 21.70 42.11 3.41
C ALA C 83 22.44 40.92 3.99
N ALA C 84 22.90 40.03 3.12
CA ALA C 84 23.54 38.78 3.53
C ALA C 84 24.23 38.20 2.31
N THR C 85 24.69 36.96 2.42
CA THR C 85 25.26 36.23 1.29
C THR C 85 24.38 35.03 0.97
N TYR C 86 24.07 34.85 -0.32
CA TYR C 86 23.15 33.81 -0.73
C TYR C 86 23.87 32.73 -1.52
N TYR C 87 23.53 31.47 -1.26
CA TYR C 87 24.19 30.33 -1.86
C TYR C 87 23.17 29.39 -2.49
N CYS C 88 23.56 28.70 -3.55
CA CYS C 88 22.74 27.69 -4.21
C CYS C 88 23.39 26.33 -4.08
N GLN C 89 22.61 25.33 -3.72
CA GLN C 89 23.07 23.97 -3.49
C GLN C 89 22.38 23.00 -4.43
N GLN C 90 23.16 22.09 -5.03
CA GLN C 90 22.60 21.20 -6.04
C GLN C 90 21.79 20.06 -5.45
N THR C 91 22.23 19.49 -4.33
CA THR C 91 21.63 18.33 -3.68
C THR C 91 21.09 17.29 -4.67
N TYR C 92 21.81 17.07 -5.77
CA TYR C 92 21.36 16.14 -6.80
C TYR C 92 22.26 14.91 -6.88
N SER C 93 23.57 15.10 -7.05
CA SER C 93 24.52 14.00 -7.13
C SER C 93 25.82 14.47 -6.51
N SER C 94 26.18 13.87 -5.37
CA SER C 94 27.37 14.24 -4.64
C SER C 94 28.30 13.05 -4.41
N ARG C 95 28.39 12.13 -5.37
CA ARG C 95 29.29 10.99 -5.22
C ARG C 95 30.74 11.45 -5.18
N ASP C 96 31.15 12.23 -6.17
CA ASP C 96 32.50 12.81 -6.21
C ASP C 96 32.37 14.25 -6.71
N VAL C 97 32.17 15.17 -5.79
CA VAL C 97 32.04 16.59 -6.10
C VAL C 97 32.92 17.37 -5.15
N ASP C 98 33.65 18.35 -5.68
CA ASP C 98 34.51 19.16 -4.83
C ASP C 98 33.71 20.00 -3.85
N ASN C 99 32.57 20.54 -4.29
CA ASN C 99 31.78 21.44 -3.45
C ASN C 99 30.38 21.52 -4.02
N VAL C 100 29.37 21.16 -3.22
CA VAL C 100 27.99 21.28 -3.68
C VAL C 100 27.56 22.74 -3.74
N PHE C 101 27.99 23.56 -2.78
CA PHE C 101 27.58 24.95 -2.73
C PHE C 101 28.18 25.73 -3.88
N GLY C 102 27.41 26.68 -4.40
CA GLY C 102 27.93 27.63 -5.36
C GLY C 102 28.64 28.77 -4.68
N GLY C 103 29.16 29.68 -5.49
CA GLY C 103 29.83 30.84 -4.95
C GLY C 103 28.86 31.76 -4.21
N GLY C 104 29.43 32.62 -3.37
CA GLY C 104 28.63 33.52 -2.57
C GLY C 104 28.32 34.81 -3.30
N THR C 105 27.09 35.30 -3.12
CA THR C 105 26.67 36.58 -3.63
C THR C 105 26.37 37.51 -2.47
N GLU C 106 27.11 38.60 -2.35
CA GLU C 106 26.95 39.55 -1.26
C GLU C 106 25.99 40.64 -1.72
N VAL C 107 24.89 40.82 -0.99
CA VAL C 107 23.84 41.75 -1.35
C VAL C 107 23.91 42.94 -0.42
N VAL C 108 24.00 44.14 -0.99
CA VAL C 108 24.11 45.38 -0.24
C VAL C 108 22.86 46.19 -0.50
N VAL C 109 22.12 46.51 0.56
CA VAL C 109 20.90 47.30 0.46
C VAL C 109 21.28 48.77 0.67
N LYS C 110 21.26 49.54 -0.41
CA LYS C 110 21.67 50.95 -0.35
C LYS C 110 20.46 51.81 0.01
N GLY C 111 19.97 51.60 1.23
CA GLY C 111 18.86 52.37 1.75
C GLY C 111 19.19 53.84 1.92
N GLN D 1 16.25 21.92 18.95
CA GLN D 1 17.42 21.06 19.04
C GLN D 1 18.69 21.84 18.70
N SER D 2 19.81 21.39 19.23
CA SER D 2 21.09 22.06 19.01
C SER D 2 22.16 21.03 18.71
N LEU D 3 23.18 21.47 17.96
CA LEU D 3 24.31 20.65 17.55
C LEU D 3 25.62 21.38 17.86
N GLU D 4 25.77 21.82 19.10
CA GLU D 4 26.95 22.58 19.51
C GLU D 4 28.23 21.81 19.20
N GLU D 5 29.23 22.54 18.71
CA GLU D 5 30.49 21.97 18.28
C GLU D 5 31.52 22.09 19.39
N SER D 6 32.54 21.23 19.34
CA SER D 6 33.62 21.30 20.31
C SER D 6 34.96 20.94 19.66
N GLY D 7 36.01 20.87 20.47
CA GLY D 7 37.32 20.47 19.98
C GLY D 7 37.96 21.43 19.00
N GLY D 8 37.59 22.70 19.04
CA GLY D 8 38.17 23.67 18.14
C GLY D 8 39.20 24.54 18.82
N ASP D 9 40.46 24.39 18.41
CA ASP D 9 41.57 25.07 19.07
C ASP D 9 42.69 25.23 18.06
N LEU D 10 43.62 26.13 18.39
CA LEU D 10 44.80 26.36 17.55
C LEU D 10 45.67 25.11 17.51
N VAL D 11 46.15 24.78 16.31
CA VAL D 11 47.00 23.62 16.10
C VAL D 11 48.19 24.03 15.24
N LYS D 12 49.36 23.52 15.57
CA LYS D 12 50.52 23.73 14.73
C LYS D 12 50.32 23.01 13.40
N PRO D 13 50.95 23.50 12.32
CA PRO D 13 50.79 22.84 11.03
C PRO D 13 51.36 21.44 11.06
N GLY D 14 50.78 20.56 10.24
CA GLY D 14 51.21 19.18 10.19
C GLY D 14 50.91 18.40 11.45
N ALA D 15 49.71 18.56 12.01
CA ALA D 15 49.27 17.79 13.16
C ALA D 15 47.85 17.32 12.90
N SER D 16 47.20 16.79 13.92
CA SER D 16 45.87 16.21 13.77
C SER D 16 44.92 16.80 14.79
N LEU D 17 43.66 16.93 14.40
CA LEU D 17 42.60 17.38 15.28
C LEU D 17 41.37 16.50 15.13
N THR D 18 40.52 16.55 16.15
CA THR D 18 39.33 15.69 16.20
C THR D 18 38.19 16.51 16.80
N LEU D 19 37.32 17.02 15.93
CA LEU D 19 36.15 17.77 16.37
C LEU D 19 34.97 16.84 16.59
N THR D 20 34.06 17.27 17.45
CA THR D 20 32.93 16.48 17.90
C THR D 20 31.64 17.24 17.63
N CYS D 21 30.60 16.51 17.21
CA CYS D 21 29.26 17.04 17.01
C CYS D 21 28.32 16.32 17.95
N THR D 22 27.68 17.07 18.84
CA THR D 22 26.84 16.53 19.90
C THR D 22 25.44 17.07 19.77
N ALA D 23 24.46 16.19 19.72
CA ALA D 23 23.06 16.59 19.58
C ALA D 23 22.45 16.88 20.95
N SER D 24 21.34 17.61 20.92
CA SER D 24 20.56 17.89 22.11
C SER D 24 19.08 17.85 21.75
N GLY D 25 18.30 17.14 22.56
CA GLY D 25 16.88 17.00 22.31
C GLY D 25 16.53 15.87 21.36
N PHE D 26 17.52 15.19 20.78
CA PHE D 26 17.26 14.07 19.90
C PHE D 26 18.53 13.22 19.81
N SER D 27 18.37 12.01 19.29
CA SER D 27 19.48 11.10 19.05
C SER D 27 19.58 10.82 17.55
N PHE D 28 20.77 10.39 17.14
CA PHE D 28 21.06 10.19 15.72
C PHE D 28 20.33 8.95 15.23
N SER D 29 19.05 9.14 14.91
CA SER D 29 18.24 8.06 14.37
C SER D 29 18.55 7.83 12.90
N SER D 30 17.99 6.75 12.36
CA SER D 30 18.22 6.39 10.97
C SER D 30 17.51 7.31 9.98
N GLY D 31 16.61 8.16 10.46
CA GLY D 31 15.83 9.00 9.55
C GLY D 31 16.66 10.07 8.85
N TYR D 32 17.58 10.69 9.57
CA TYR D 32 18.27 11.88 9.09
C TYR D 32 19.77 11.62 8.93
N ASP D 33 20.36 12.31 7.97
CA ASP D 33 21.78 12.21 7.66
C ASP D 33 22.54 13.39 8.27
N MET D 34 23.82 13.18 8.54
CA MET D 34 24.66 14.20 9.15
C MET D 34 25.77 14.60 8.17
N CYS D 35 26.22 15.85 8.27
CA CYS D 35 27.28 16.32 7.39
C CYS D 35 28.14 17.34 8.13
N TRP D 36 29.38 17.45 7.68
CA TRP D 36 30.31 18.47 8.15
C TRP D 36 30.72 19.34 6.97
N VAL D 37 30.60 20.66 7.17
CA VAL D 37 31.01 21.64 6.17
C VAL D 37 31.91 22.65 6.87
N ARG D 38 32.62 23.44 6.06
CA ARG D 38 33.52 24.43 6.59
C ARG D 38 33.44 25.70 5.75
N GLN D 39 33.84 26.82 6.36
CA GLN D 39 33.85 28.11 5.69
C GLN D 39 35.12 28.84 6.07
N ALA D 40 35.91 29.22 5.07
CA ALA D 40 37.09 30.03 5.31
C ALA D 40 36.66 31.41 5.80
N PRO D 41 37.56 32.14 6.48
CA PRO D 41 37.16 33.43 7.04
C PRO D 41 36.62 34.42 6.02
N GLY D 42 37.11 34.38 4.78
CA GLY D 42 36.66 35.34 3.79
C GLY D 42 35.96 34.74 2.58
N LYS D 43 35.84 33.43 2.53
CA LYS D 43 35.32 32.75 1.36
C LYS D 43 33.91 32.22 1.65
N GLY D 44 33.36 31.48 0.69
CA GLY D 44 32.06 30.87 0.83
C GLY D 44 32.13 29.49 1.46
N LEU D 45 30.96 28.89 1.62
CA LEU D 45 30.86 27.59 2.27
C LEU D 45 31.46 26.50 1.40
N GLU D 46 32.08 25.52 2.05
CA GLU D 46 32.66 24.35 1.39
C GLU D 46 32.19 23.11 2.11
N TRP D 47 31.77 22.11 1.33
CA TRP D 47 31.30 20.85 1.91
C TRP D 47 32.48 19.91 2.10
N ILE D 48 32.50 19.21 3.23
CA ILE D 48 33.61 18.34 3.59
C ILE D 48 33.19 16.87 3.57
N ALA D 49 32.19 16.50 4.37
CA ALA D 49 31.89 15.08 4.48
C ALA D 49 30.45 14.88 4.93
N CYS D 50 29.97 13.65 4.78
CA CYS D 50 28.65 13.27 5.27
C CYS D 50 28.67 11.82 5.72
N ILE D 51 27.89 11.54 6.75
CA ILE D 51 27.73 10.20 7.30
C ILE D 51 26.25 9.95 7.58
N GLY D 52 25.80 8.74 7.30
CA GLY D 52 24.47 8.34 7.68
C GLY D 52 24.42 7.88 9.12
N THR D 53 23.24 8.04 9.73
CA THR D 53 23.03 7.62 11.11
C THR D 53 22.07 6.43 11.19
N GLY D 54 22.05 5.59 10.16
CA GLY D 54 21.19 4.44 10.11
C GLY D 54 21.93 3.15 10.36
N SER D 55 21.35 2.05 9.87
CA SER D 55 21.96 0.74 10.04
C SER D 55 23.30 0.64 9.33
N SER D 56 23.41 1.21 8.12
CA SER D 56 24.65 1.16 7.36
C SER D 56 24.95 2.57 6.88
N GLY D 57 25.77 3.29 7.63
CA GLY D 57 26.16 4.63 7.27
C GLY D 57 26.88 4.70 5.94
N ASN D 58 26.40 5.56 5.04
CA ASN D 58 27.02 5.74 3.73
C ASN D 58 27.93 6.96 3.83
N ILE D 59 29.17 6.72 4.25
CA ILE D 59 30.12 7.82 4.45
C ILE D 59 30.60 8.31 3.09
N TYR D 60 30.58 9.62 2.90
CA TYR D 60 31.03 10.25 1.67
C TYR D 60 32.12 11.26 1.97
N TYR D 61 32.77 11.74 0.93
CA TYR D 61 33.82 12.73 1.07
C TYR D 61 33.86 13.61 -0.16
N ALA D 62 34.27 14.85 0.02
CA ALA D 62 34.54 15.71 -1.12
C ALA D 62 35.82 15.25 -1.81
N SER D 63 35.93 15.58 -3.10
CA SER D 63 37.08 15.13 -3.87
C SER D 63 38.38 15.69 -3.31
N TRP D 64 38.38 16.97 -2.92
CA TRP D 64 39.58 17.59 -2.40
C TRP D 64 39.98 17.05 -1.02
N ALA D 65 39.09 16.31 -0.35
CA ALA D 65 39.34 15.74 0.97
C ALA D 65 39.13 14.24 0.92
N LYS D 66 39.72 13.59 -0.09
CA LYS D 66 39.45 12.19 -0.35
C LYS D 66 39.89 11.30 0.81
N GLY D 67 41.08 11.53 1.36
CA GLY D 67 41.61 10.64 2.36
C GLY D 67 42.16 11.33 3.59
N ARG D 68 42.27 12.65 3.54
CA ARG D 68 42.83 13.40 4.67
C ARG D 68 41.92 13.32 5.89
N PHE D 69 40.60 13.38 5.68
CA PHE D 69 39.64 13.46 6.77
C PHE D 69 39.02 12.10 7.03
N THR D 70 38.47 11.93 8.24
CA THR D 70 37.83 10.70 8.65
C THR D 70 36.67 11.01 9.58
N ILE D 71 35.46 10.70 9.14
CA ILE D 71 34.25 10.99 9.90
C ILE D 71 33.63 9.67 10.35
N SER D 72 33.23 9.61 11.61
CA SER D 72 32.65 8.37 12.13
C SER D 72 31.69 8.68 13.26
N LYS D 73 30.66 7.85 13.38
CA LYS D 73 29.72 7.93 14.49
C LYS D 73 30.25 7.07 15.64
N THR D 74 30.30 7.66 16.83
CA THR D 74 30.86 6.98 17.99
C THR D 74 29.83 6.61 19.05
N SER D 75 28.65 7.22 19.05
CA SER D 75 27.62 6.92 20.03
C SER D 75 26.27 7.33 19.45
N SER D 76 25.25 7.34 20.30
CA SER D 76 23.90 7.69 19.86
C SER D 76 23.72 9.19 19.66
N THR D 77 24.54 10.02 20.31
CA THR D 77 24.41 11.47 20.21
C THR D 77 25.76 12.15 20.00
N THR D 78 26.69 11.49 19.31
CA THR D 78 28.02 12.05 19.10
C THR D 78 28.59 11.51 17.80
N VAL D 79 28.93 12.40 16.88
CA VAL D 79 29.61 12.04 15.64
C VAL D 79 30.86 12.89 15.52
N THR D 80 31.99 12.26 15.23
CA THR D 80 33.27 12.94 15.27
C THR D 80 33.90 12.98 13.89
N LEU D 81 34.71 14.01 13.66
CA LEU D 81 35.47 14.14 12.42
C LEU D 81 36.90 14.49 12.76
N GLN D 82 37.84 13.82 12.12
CA GLN D 82 39.26 13.92 12.43
C GLN D 82 40.03 14.29 11.16
N MET D 83 40.90 15.29 11.27
CA MET D 83 41.78 15.66 10.18
C MET D 83 43.23 15.49 10.60
N THR D 84 44.06 15.26 9.60
CA THR D 84 45.49 15.06 9.77
C THR D 84 46.24 15.86 8.71
N SER D 85 47.53 16.13 9.00
CA SER D 85 48.41 16.87 8.10
C SER D 85 47.83 18.24 7.76
N LEU D 86 47.47 18.99 8.80
CA LEU D 86 46.87 20.31 8.60
C LEU D 86 47.89 21.31 8.08
N THR D 87 47.41 22.26 7.26
CA THR D 87 48.25 23.30 6.69
C THR D 87 47.64 24.66 7.00
N ALA D 88 48.34 25.71 6.56
CA ALA D 88 47.91 27.07 6.87
C ALA D 88 46.61 27.43 6.18
N ALA D 89 46.22 26.69 5.15
CA ALA D 89 44.98 26.98 4.44
C ALA D 89 43.78 26.26 5.03
N ASP D 90 43.95 25.48 6.09
CA ASP D 90 42.86 24.74 6.69
C ASP D 90 42.08 25.54 7.73
N THR D 91 42.57 26.71 8.12
CA THR D 91 41.87 27.51 9.13
C THR D 91 40.49 27.92 8.59
N ALA D 92 39.46 27.74 9.39
CA ALA D 92 38.08 27.96 8.96
C ALA D 92 37.15 27.75 10.14
N THR D 93 35.87 28.03 9.91
CA THR D 93 34.82 27.71 10.87
C THR D 93 34.09 26.47 10.37
N TYR D 94 33.97 25.47 11.23
CA TYR D 94 33.36 24.19 10.87
C TYR D 94 31.96 24.11 11.46
N PHE D 95 31.00 23.73 10.61
CA PHE D 95 29.62 23.53 11.01
C PHE D 95 29.24 22.07 10.83
N CYS D 96 28.46 21.56 11.78
CA CYS D 96 27.88 20.21 11.73
C CYS D 96 26.40 20.38 11.37
N ALA D 97 26.08 20.16 10.09
CA ALA D 97 24.71 20.31 9.64
C ALA D 97 24.00 18.96 9.66
N ARG D 98 22.68 19.03 9.77
CA ARG D 98 21.84 17.84 9.76
C ARG D 98 20.98 17.85 8.51
N ASP D 99 20.96 16.73 7.81
CA ASP D 99 20.18 16.62 6.58
C ASP D 99 18.72 16.36 6.90
N ASP D 100 17.89 16.36 5.86
CA ASP D 100 16.47 16.05 5.99
C ASP D 100 16.03 14.84 5.19
N ALA D 101 16.93 14.20 4.45
CA ALA D 101 16.57 13.02 3.68
C ALA D 101 17.84 12.21 3.43
N ASP D 102 17.77 10.90 3.67
CA ASP D 102 18.93 10.04 3.54
C ASP D 102 18.91 9.33 2.19
N TYR D 103 19.20 10.12 1.16
CA TYR D 103 19.41 9.61 -0.19
C TYR D 103 20.87 9.28 -0.46
N ALA D 104 21.65 8.98 0.58
CA ALA D 104 23.09 8.81 0.46
C ALA D 104 23.73 10.07 -0.13
N GLY D 105 23.65 11.15 0.64
CA GLY D 105 24.23 12.41 0.25
C GLY D 105 23.64 13.57 1.02
N PRO D 106 24.32 14.71 0.97
CA PRO D 106 23.83 15.91 1.67
C PRO D 106 22.66 16.55 0.92
N ASP D 107 21.46 16.38 1.45
CA ASP D 107 20.29 17.06 0.93
C ASP D 107 20.13 18.39 1.65
N TYR D 108 18.96 19.00 1.55
CA TYR D 108 18.71 20.28 2.17
C TYR D 108 19.04 20.24 3.66
N PHE D 109 19.79 21.24 4.12
CA PHE D 109 20.22 21.32 5.52
C PHE D 109 19.21 22.15 6.29
N ASN D 110 18.28 21.48 6.96
CA ASN D 110 17.25 22.19 7.70
C ASN D 110 17.78 22.81 8.99
N LEU D 111 18.71 22.12 9.66
CA LEU D 111 19.19 22.54 10.96
C LEU D 111 20.71 22.59 10.96
N TRP D 112 21.27 23.62 11.58
CA TRP D 112 22.71 23.86 11.58
C TRP D 112 23.22 24.03 12.99
N GLY D 113 24.49 23.70 13.19
CA GLY D 113 25.16 23.95 14.45
C GLY D 113 25.81 25.30 14.46
N PRO D 114 26.15 25.81 15.65
CA PRO D 114 26.82 27.12 15.74
C PRO D 114 28.17 27.16 15.05
N GLY D 115 28.87 26.03 14.95
CA GLY D 115 30.16 26.00 14.30
C GLY D 115 31.28 26.51 15.18
N THR D 116 32.47 25.94 15.04
CA THR D 116 33.62 26.36 15.84
C THR D 116 34.81 26.68 14.95
N LEU D 117 35.65 27.58 15.43
CA LEU D 117 36.77 28.09 14.64
C LEU D 117 38.02 27.28 14.91
N VAL D 118 38.64 26.80 13.85
CA VAL D 118 39.90 26.07 13.92
C VAL D 118 40.95 26.87 13.15
N THR D 119 42.05 27.17 13.81
CA THR D 119 43.12 27.96 13.21
C THR D 119 44.42 27.19 13.25
N VAL D 120 45.18 27.30 12.17
CA VAL D 120 46.45 26.61 12.01
C VAL D 120 47.54 27.67 11.93
N SER D 121 48.43 27.67 12.92
CA SER D 121 49.47 28.69 12.96
C SER D 121 50.61 28.19 13.84
N SER D 122 51.83 28.55 13.46
CA SER D 122 53.00 28.18 14.23
C SER D 122 53.34 29.28 15.23
N ASP E 1 -24.11 -30.29 4.91
CA ASP E 1 -23.41 -29.97 3.67
C ASP E 1 -21.92 -29.76 3.95
N ILE E 2 -21.61 -28.77 4.77
CA ILE E 2 -20.22 -28.49 5.16
C ILE E 2 -20.03 -28.89 6.61
N VAL E 3 -19.06 -29.79 6.85
CA VAL E 3 -18.74 -30.27 8.18
C VAL E 3 -17.28 -29.98 8.45
N MET E 4 -16.98 -29.44 9.63
CA MET E 4 -15.61 -29.12 10.01
C MET E 4 -15.17 -30.03 11.16
N THR E 5 -13.85 -30.20 11.27
CA THR E 5 -13.27 -30.85 12.43
C THR E 5 -12.15 -29.97 12.97
N GLN E 6 -11.98 -30.02 14.29
CA GLN E 6 -11.03 -29.18 15.00
C GLN E 6 -10.04 -30.08 15.74
N THR E 7 -8.76 -29.73 15.66
CA THR E 7 -7.69 -30.56 16.19
C THR E 7 -6.61 -29.65 16.76
N PRO E 8 -5.88 -30.10 17.79
CA PRO E 8 -6.07 -31.33 18.55
C PRO E 8 -7.22 -31.22 19.56
N ALA E 9 -7.61 -32.34 20.15
CA ALA E 9 -8.64 -32.30 21.18
C ALA E 9 -8.19 -31.50 22.39
N SER E 10 -6.95 -31.68 22.82
CA SER E 10 -6.37 -30.94 23.93
C SER E 10 -4.90 -30.65 23.66
N VAL E 11 -4.42 -29.54 24.22
CA VAL E 11 -3.04 -29.12 24.08
C VAL E 11 -2.52 -28.67 25.44
N SER E 12 -1.19 -28.63 25.57
CA SER E 12 -0.54 -28.26 26.82
C SER E 12 0.89 -27.82 26.52
N GLU E 13 1.25 -26.63 27.02
CA GLU E 13 2.62 -26.15 26.94
C GLU E 13 2.89 -25.26 28.15
N PRO E 14 4.16 -25.06 28.49
CA PRO E 14 4.50 -24.07 29.54
C PRO E 14 4.03 -22.68 29.18
N VAL E 15 4.18 -21.74 30.13
CA VAL E 15 3.62 -20.40 29.98
C VAL E 15 4.27 -19.66 28.82
N GLY E 16 5.51 -20.01 28.47
CA GLY E 16 6.24 -19.25 27.48
C GLY E 16 5.98 -19.61 26.02
N GLY E 17 5.22 -20.65 25.75
CA GLY E 17 5.11 -21.17 24.41
C GLY E 17 4.05 -20.47 23.57
N THR E 18 3.84 -21.03 22.38
CA THR E 18 2.80 -20.61 21.45
C THR E 18 1.97 -21.83 21.07
N VAL E 19 0.64 -21.70 21.09
CA VAL E 19 -0.22 -22.82 20.70
C VAL E 19 -0.80 -22.56 19.32
N THR E 20 -0.96 -23.64 18.57
CA THR E 20 -1.58 -23.62 17.26
C THR E 20 -2.71 -24.63 17.21
N ILE E 21 -3.87 -24.18 16.71
CA ILE E 21 -5.07 -24.98 16.64
C ILE E 21 -5.54 -24.99 15.20
N LYS E 22 -5.86 -26.16 14.67
CA LYS E 22 -6.26 -26.30 13.28
C LYS E 22 -7.75 -26.63 13.20
N CYS E 23 -8.42 -26.04 12.21
CA CYS E 23 -9.82 -26.31 11.93
C CYS E 23 -9.95 -26.47 10.43
N GLN E 24 -10.39 -27.59 9.96
CA GLN E 24 -10.49 -27.88 8.50
C GLN E 24 -11.91 -28.25 8.10
N ALA E 25 -12.43 -27.74 7.03
CA ALA E 25 -13.78 -27.90 6.54
C ALA E 25 -13.82 -28.90 5.39
N SER E 26 -14.99 -29.52 5.21
CA SER E 26 -15.15 -30.48 4.14
C SER E 26 -14.97 -29.84 2.77
N GLU E 27 -15.56 -28.66 2.58
CA GLU E 27 -15.44 -27.92 1.33
C GLU E 27 -14.88 -26.53 1.61
N SER E 28 -14.54 -25.82 0.55
CA SER E 28 -14.03 -24.48 0.69
C SER E 28 -15.11 -23.55 1.24
N ILE E 29 -14.78 -22.82 2.30
CA ILE E 29 -15.68 -21.85 2.90
C ILE E 29 -15.16 -20.42 2.75
N SER E 30 -14.08 -20.24 1.99
CA SER E 30 -13.53 -18.93 1.66
C SER E 30 -13.12 -18.22 2.95
N ASN E 31 -13.65 -17.04 3.25
CA ASN E 31 -13.18 -16.24 4.37
C ASN E 31 -14.15 -16.24 5.54
N TRP E 32 -15.25 -16.99 5.45
CA TRP E 32 -16.27 -16.99 6.49
C TRP E 32 -15.86 -17.98 7.58
N LEU E 33 -15.44 -17.47 8.73
CA LEU E 33 -15.07 -18.32 9.86
C LEU E 33 -14.99 -17.46 11.09
N ALA E 34 -15.19 -18.08 12.25
CA ALA E 34 -15.12 -17.34 13.50
C ALA E 34 -14.52 -18.22 14.59
N TRP E 35 -13.55 -17.69 15.31
CA TRP E 35 -12.95 -18.36 16.45
C TRP E 35 -13.50 -17.77 17.73
N TYR E 36 -14.16 -18.61 18.53
CA TYR E 36 -14.77 -18.26 19.80
C TYR E 36 -13.97 -18.87 20.95
N GLN E 37 -14.02 -18.19 22.10
CA GLN E 37 -13.37 -18.66 23.32
C GLN E 37 -14.41 -18.75 24.43
N GLN E 38 -14.42 -19.88 25.13
CA GLN E 38 -15.31 -20.11 26.25
C GLN E 38 -14.49 -20.58 27.45
N LYS E 39 -14.52 -19.79 28.51
CA LYS E 39 -14.00 -20.25 29.79
C LYS E 39 -15.08 -21.05 30.51
N PRO E 40 -14.68 -21.93 31.43
CA PRO E 40 -15.69 -22.74 32.13
C PRO E 40 -16.70 -21.88 32.86
N GLY E 41 -17.96 -22.29 32.79
CA GLY E 41 -19.03 -21.55 33.45
C GLY E 41 -19.21 -20.14 32.94
N GLN E 42 -19.10 -19.95 31.62
CA GLN E 42 -19.28 -18.64 31.00
C GLN E 42 -19.73 -18.82 29.56
N PRO E 43 -20.54 -17.89 29.04
CA PRO E 43 -20.86 -17.94 27.63
C PRO E 43 -19.63 -17.66 26.78
N PRO E 44 -19.53 -18.24 25.59
CA PRO E 44 -18.35 -18.03 24.76
C PRO E 44 -18.22 -16.58 24.34
N LYS E 45 -16.99 -16.15 24.11
CA LYS E 45 -16.69 -14.79 23.70
C LYS E 45 -16.03 -14.81 22.33
N LEU E 46 -16.49 -13.94 21.44
CA LEU E 46 -15.89 -13.85 20.11
C LEU E 46 -14.44 -13.42 20.20
N LEU E 47 -13.57 -14.11 19.46
CA LEU E 47 -12.16 -13.74 19.36
C LEU E 47 -11.80 -13.26 17.96
N ILE E 48 -12.06 -14.07 16.94
CA ILE E 48 -11.60 -13.79 15.58
C ILE E 48 -12.81 -13.91 14.65
N TYR E 49 -13.18 -12.78 14.09
CA TYR E 49 -14.24 -12.83 13.08
C TYR E 49 -13.54 -12.68 11.74
N ALA E 50 -14.20 -13.09 10.68
CA ALA E 50 -13.65 -13.02 9.32
C ALA E 50 -12.29 -13.69 9.20
N ALA E 51 -11.94 -14.52 10.18
CA ALA E 51 -10.78 -15.40 10.14
C ALA E 51 -9.44 -14.65 10.22
N PHE E 52 -9.48 -13.34 10.13
CA PHE E 52 -8.28 -12.53 10.32
C PHE E 52 -8.47 -11.40 11.32
N THR E 53 -9.65 -10.78 11.34
CA THR E 53 -9.85 -9.57 12.14
C THR E 53 -10.00 -9.92 13.61
N LEU E 54 -9.28 -9.20 14.46
CA LEU E 54 -9.44 -9.33 15.89
C LEU E 54 -10.78 -8.73 16.31
N ALA E 55 -11.35 -9.26 17.38
CA ALA E 55 -12.59 -8.72 17.90
C ALA E 55 -12.34 -7.41 18.63
N SER E 56 -13.37 -6.88 19.27
CA SER E 56 -13.24 -5.65 20.03
C SER E 56 -12.86 -5.96 21.47
N GLY E 57 -11.78 -5.33 21.94
CA GLY E 57 -11.32 -5.57 23.29
C GLY E 57 -10.55 -6.85 23.49
N VAL E 58 -10.10 -7.49 22.42
CA VAL E 58 -9.33 -8.73 22.51
C VAL E 58 -7.84 -8.40 22.48
N PRO E 59 -7.03 -9.00 23.35
CA PRO E 59 -5.59 -8.72 23.33
C PRO E 59 -4.96 -9.18 22.02
N SER E 60 -3.90 -8.46 21.62
CA SER E 60 -3.22 -8.73 20.36
C SER E 60 -2.22 -9.89 20.51
N ARG E 61 -2.76 -11.05 20.87
CA ARG E 61 -1.99 -12.27 20.92
C ARG E 61 -2.59 -13.41 20.11
N PHE E 62 -3.82 -13.27 19.62
CA PHE E 62 -4.49 -14.32 18.87
C PHE E 62 -4.39 -13.96 17.39
N LYS E 63 -3.62 -14.76 16.64
CA LYS E 63 -3.45 -14.54 15.20
C LYS E 63 -4.17 -15.64 14.45
N GLY E 64 -5.11 -15.26 13.59
CA GLY E 64 -5.71 -16.21 12.69
C GLY E 64 -4.98 -16.26 11.36
N SER E 65 -5.01 -17.42 10.73
CA SER E 65 -4.28 -17.59 9.49
C SER E 65 -4.94 -18.68 8.65
N GLY E 66 -4.64 -18.66 7.37
CA GLY E 66 -5.17 -19.64 6.45
C GLY E 66 -6.51 -19.22 5.87
N SER E 67 -6.89 -19.91 4.80
CA SER E 67 -8.17 -19.67 4.13
C SER E 67 -8.48 -20.87 3.27
N GLY E 68 -9.71 -20.90 2.77
CA GLY E 68 -10.14 -22.01 1.92
C GLY E 68 -10.71 -23.17 2.74
N THR E 69 -9.89 -24.19 2.97
CA THR E 69 -10.31 -25.35 3.72
C THR E 69 -9.57 -25.55 5.04
N GLN E 70 -8.39 -24.92 5.20
CA GLN E 70 -7.59 -25.07 6.40
C GLN E 70 -7.46 -23.73 7.09
N PHE E 71 -7.71 -23.69 8.40
CA PHE E 71 -7.53 -22.49 9.17
C PHE E 71 -6.77 -22.81 10.45
N THR E 72 -5.95 -21.86 10.89
CA THR E 72 -5.17 -22.02 12.11
C THR E 72 -5.31 -20.80 12.99
N LEU E 73 -5.35 -21.05 14.29
CA LEU E 73 -5.29 -19.99 15.29
C LEU E 73 -4.04 -20.19 16.13
N THR E 74 -3.30 -19.10 16.35
CA THR E 74 -2.04 -19.19 17.06
C THR E 74 -2.02 -18.17 18.18
N ILE E 75 -1.70 -18.64 19.38
CA ILE E 75 -1.46 -17.77 20.53
C ILE E 75 0.04 -17.71 20.74
N ASN E 76 0.61 -16.50 20.55
CA ASN E 76 2.06 -16.34 20.63
C ASN E 76 2.55 -16.30 22.07
N GLY E 77 1.68 -15.97 23.01
CA GLY E 77 2.05 -16.03 24.41
C GLY E 77 0.86 -16.29 25.30
N VAL E 78 0.95 -17.35 26.11
CA VAL E 78 -0.09 -17.70 27.06
C VAL E 78 0.30 -17.17 28.43
N GLU E 79 -0.69 -16.84 29.24
CA GLU E 79 -0.43 -16.21 30.52
C GLU E 79 -1.27 -16.79 31.64
N CYS E 80 -1.61 -18.08 31.55
CA CYS E 80 -2.40 -18.82 32.54
C CYS E 80 -3.83 -18.31 32.62
N ALA E 81 -4.17 -17.25 31.89
CA ALA E 81 -5.54 -16.76 31.80
C ALA E 81 -6.17 -17.10 30.46
N ASP E 82 -5.44 -17.78 29.57
CA ASP E 82 -5.97 -18.22 28.30
C ASP E 82 -6.39 -19.69 28.33
N ALA E 83 -6.35 -20.32 29.50
CA ALA E 83 -6.79 -21.69 29.66
C ALA E 83 -8.29 -21.73 29.50
N ALA E 84 -8.75 -22.10 28.31
CA ALA E 84 -10.17 -22.08 27.97
C ALA E 84 -10.39 -23.08 26.85
N THR E 85 -11.56 -23.01 26.22
CA THR E 85 -11.89 -23.84 25.07
C THR E 85 -12.12 -22.96 23.86
N TYR E 86 -11.68 -23.41 22.69
CA TYR E 86 -11.73 -22.63 21.47
C TYR E 86 -12.53 -23.37 20.40
N TYR E 87 -13.36 -22.62 19.67
CA TYR E 87 -14.25 -23.20 18.69
C TYR E 87 -14.17 -22.44 17.36
N CYS E 88 -14.43 -23.15 16.27
CA CYS E 88 -14.49 -22.55 14.95
C CYS E 88 -15.88 -22.73 14.35
N GLN E 89 -16.42 -21.65 13.78
CA GLN E 89 -17.75 -21.62 13.19
C GLN E 89 -17.66 -21.22 11.73
N GLN E 90 -18.41 -21.92 10.88
CA GLN E 90 -18.26 -21.75 9.44
C GLN E 90 -18.94 -20.49 8.92
N THR E 91 -20.12 -20.13 9.47
CA THR E 91 -20.93 -18.99 9.05
C THR E 91 -20.94 -18.76 7.54
N TYR E 92 -20.95 -19.84 6.74
CA TYR E 92 -20.91 -19.72 5.29
C TYR E 92 -22.18 -20.22 4.64
N SER E 93 -22.56 -21.47 4.89
CA SER E 93 -23.80 -22.03 4.36
C SER E 93 -24.43 -22.85 5.48
N SER E 94 -25.54 -22.34 6.02
CA SER E 94 -26.24 -22.99 7.13
C SER E 94 -27.64 -23.43 6.74
N ARG E 95 -27.83 -23.90 5.51
CA ARG E 95 -29.15 -24.36 5.10
C ARG E 95 -29.46 -25.72 5.71
N ASP E 96 -28.65 -26.73 5.39
CA ASP E 96 -28.82 -28.08 5.93
C ASP E 96 -27.48 -28.51 6.50
N VAL E 97 -27.23 -28.13 7.74
CA VAL E 97 -25.98 -28.47 8.43
C VAL E 97 -26.33 -28.94 9.83
N ASP E 98 -25.69 -30.05 10.24
CA ASP E 98 -25.96 -30.57 11.58
C ASP E 98 -25.49 -29.60 12.66
N ASN E 99 -24.32 -28.99 12.48
CA ASN E 99 -23.73 -28.15 13.50
C ASN E 99 -22.74 -27.21 12.84
N VAL E 100 -22.95 -25.91 12.98
CA VAL E 100 -21.99 -24.95 12.44
C VAL E 100 -20.68 -25.01 13.23
N PHE E 101 -20.78 -25.15 14.55
CA PHE E 101 -19.58 -25.18 15.38
C PHE E 101 -18.80 -26.46 15.17
N GLY E 102 -17.48 -26.38 15.31
CA GLY E 102 -16.64 -27.54 15.30
C GLY E 102 -16.51 -28.14 16.69
N GLY E 103 -15.60 -29.10 16.80
CA GLY E 103 -15.32 -29.69 18.08
C GLY E 103 -14.61 -28.73 19.01
N GLY E 104 -14.54 -29.10 20.29
CA GLY E 104 -13.93 -28.26 21.30
C GLY E 104 -12.46 -28.62 21.50
N THR E 105 -11.62 -27.59 21.57
CA THR E 105 -10.21 -27.75 21.91
C THR E 105 -9.98 -27.13 23.28
N GLU E 106 -9.51 -27.95 24.22
CA GLU E 106 -9.26 -27.50 25.59
C GLU E 106 -7.77 -27.21 25.75
N VAL E 107 -7.46 -26.00 26.22
CA VAL E 107 -6.08 -25.54 26.36
C VAL E 107 -5.72 -25.53 27.84
N VAL E 108 -4.60 -26.17 28.17
CA VAL E 108 -4.10 -26.24 29.54
C VAL E 108 -2.76 -25.53 29.60
N VAL E 109 -2.67 -24.50 30.42
CA VAL E 109 -1.44 -23.74 30.59
C VAL E 109 -0.82 -24.14 31.92
N LYS E 110 0.21 -24.98 31.88
CA LYS E 110 0.85 -25.48 33.09
C LYS E 110 1.98 -24.53 33.51
N GLY E 111 1.56 -23.45 34.17
CA GLY E 111 2.50 -22.49 34.71
C GLY E 111 3.19 -23.00 35.96
N GLN F 1 -26.47 -4.02 27.21
CA GLN F 1 -27.70 -4.71 26.90
C GLN F 1 -27.55 -6.23 27.04
N SER F 2 -28.62 -6.91 27.46
CA SER F 2 -28.55 -8.31 27.83
C SER F 2 -29.73 -9.08 27.26
N LEU F 3 -29.58 -10.39 27.21
CA LEU F 3 -30.59 -11.33 26.71
C LEU F 3 -30.80 -12.47 27.69
N GLU F 4 -31.04 -12.12 28.96
CA GLU F 4 -31.29 -13.14 29.98
C GLU F 4 -32.45 -14.04 29.57
N GLU F 5 -32.21 -15.35 29.68
CA GLU F 5 -33.18 -16.37 29.27
C GLU F 5 -33.94 -16.89 30.48
N SER F 6 -35.12 -17.45 30.23
CA SER F 6 -35.95 -17.98 31.31
C SER F 6 -36.42 -19.39 30.99
N GLY F 7 -37.30 -19.92 31.82
CA GLY F 7 -37.91 -21.22 31.54
C GLY F 7 -36.98 -22.40 31.54
N GLY F 8 -36.06 -22.47 32.50
CA GLY F 8 -35.18 -23.61 32.61
C GLY F 8 -35.42 -24.43 33.86
N ASP F 9 -35.94 -25.65 33.70
CA ASP F 9 -36.33 -26.46 34.84
C ASP F 9 -36.35 -27.93 34.43
N LEU F 10 -36.45 -28.80 35.42
CA LEU F 10 -36.44 -30.24 35.18
C LEU F 10 -37.73 -30.67 34.51
N VAL F 11 -37.62 -31.48 33.45
CA VAL F 11 -38.75 -32.00 32.72
C VAL F 11 -38.62 -33.52 32.62
N LYS F 12 -39.71 -34.22 32.89
CA LYS F 12 -39.70 -35.67 32.80
C LYS F 12 -39.53 -36.09 31.33
N PRO F 13 -39.00 -37.28 31.08
CA PRO F 13 -38.83 -37.74 29.70
C PRO F 13 -40.17 -37.83 28.99
N GLY F 14 -40.14 -37.54 27.69
CA GLY F 14 -41.37 -37.49 26.91
C GLY F 14 -42.30 -36.35 27.25
N ALA F 15 -41.75 -35.15 27.49
CA ALA F 15 -42.55 -33.98 27.80
C ALA F 15 -42.09 -32.85 26.89
N SER F 16 -42.57 -31.64 27.15
CA SER F 16 -42.30 -30.48 26.32
C SER F 16 -42.00 -29.27 27.19
N LEU F 17 -41.17 -28.38 26.66
CA LEU F 17 -40.80 -27.15 27.35
C LEU F 17 -40.77 -25.98 26.37
N THR F 18 -40.91 -24.78 26.91
CA THR F 18 -40.97 -23.56 26.10
C THR F 18 -40.13 -22.50 26.79
N LEU F 19 -38.87 -22.39 26.37
CA LEU F 19 -37.97 -21.38 26.91
C LEU F 19 -38.18 -20.05 26.21
N THR F 20 -37.81 -18.98 26.91
CA THR F 20 -38.05 -17.62 26.45
C THR F 20 -36.77 -16.81 26.55
N CYS F 21 -36.47 -16.03 25.50
CA CYS F 21 -35.34 -15.12 25.48
C CYS F 21 -35.89 -13.70 25.42
N THR F 22 -35.51 -12.89 26.41
CA THR F 22 -36.00 -11.53 26.55
C THR F 22 -34.84 -10.56 26.42
N ALA F 23 -34.98 -9.59 25.52
CA ALA F 23 -33.96 -8.57 25.35
C ALA F 23 -34.09 -7.50 26.43
N SER F 24 -32.96 -6.93 26.82
CA SER F 24 -32.92 -5.86 27.80
C SER F 24 -32.07 -4.73 27.24
N GLY F 25 -32.61 -3.51 27.28
CA GLY F 25 -31.94 -2.36 26.71
C GLY F 25 -32.21 -2.11 25.25
N PHE F 26 -32.94 -3.00 24.58
CA PHE F 26 -33.30 -2.81 23.18
C PHE F 26 -34.44 -3.75 22.84
N SER F 27 -35.02 -3.56 21.67
CA SER F 27 -36.03 -4.44 21.13
C SER F 27 -35.57 -5.02 19.82
N PHE F 28 -36.29 -6.04 19.35
CA PHE F 28 -35.90 -6.80 18.16
C PHE F 28 -36.18 -5.96 16.91
N SER F 29 -35.16 -5.22 16.50
CA SER F 29 -35.20 -4.52 15.24
C SER F 29 -34.97 -5.51 14.09
N SER F 30 -35.28 -5.06 12.88
CA SER F 30 -35.16 -5.94 11.72
C SER F 30 -33.72 -6.11 11.24
N GLY F 31 -32.77 -5.38 11.82
CA GLY F 31 -31.41 -5.42 11.30
C GLY F 31 -30.58 -6.58 11.83
N TYR F 32 -31.08 -7.28 12.86
CA TYR F 32 -30.33 -8.33 13.51
C TYR F 32 -31.05 -9.66 13.39
N ASP F 33 -30.28 -10.74 13.54
CA ASP F 33 -30.76 -12.10 13.48
C ASP F 33 -30.55 -12.77 14.85
N MET F 34 -31.56 -13.50 15.30
CA MET F 34 -31.50 -14.16 16.60
C MET F 34 -31.30 -15.66 16.42
N CYS F 35 -30.61 -16.29 17.38
CA CYS F 35 -30.35 -17.71 17.27
C CYS F 35 -30.34 -18.34 18.65
N TRP F 36 -30.61 -19.64 18.68
CA TRP F 36 -30.56 -20.46 19.88
C TRP F 36 -29.57 -21.60 19.67
N VAL F 37 -28.67 -21.77 20.65
CA VAL F 37 -27.71 -22.87 20.64
C VAL F 37 -27.75 -23.56 21.99
N ARG F 38 -27.14 -24.73 22.06
CA ARG F 38 -27.11 -25.51 23.30
C ARG F 38 -25.75 -26.16 23.46
N GLN F 39 -25.43 -26.49 24.71
CA GLN F 39 -24.15 -27.12 25.04
C GLN F 39 -24.37 -28.19 26.10
N ALA F 40 -23.92 -29.40 25.80
CA ALA F 40 -23.97 -30.47 26.77
C ALA F 40 -23.02 -30.16 27.93
N PRO F 41 -23.20 -30.85 29.07
CA PRO F 41 -22.34 -30.52 30.23
C PRO F 41 -20.85 -30.65 29.97
N GLY F 42 -20.43 -31.63 29.16
CA GLY F 42 -19.01 -31.81 28.92
C GLY F 42 -18.62 -31.92 27.47
N LYS F 43 -19.53 -31.54 26.56
CA LYS F 43 -19.28 -31.60 25.13
C LYS F 43 -19.20 -30.19 24.57
N GLY F 44 -19.09 -30.10 23.24
CA GLY F 44 -18.94 -28.83 22.56
C GLY F 44 -20.27 -28.18 22.25
N LEU F 45 -20.19 -27.00 21.66
CA LEU F 45 -21.37 -26.22 21.32
C LEU F 45 -22.15 -26.87 20.19
N GLU F 46 -23.48 -26.81 20.30
CA GLU F 46 -24.37 -27.30 19.25
C GLU F 46 -25.39 -26.23 18.91
N TRP F 47 -25.55 -25.97 17.62
CA TRP F 47 -26.49 -24.97 17.15
C TRP F 47 -27.87 -25.57 16.94
N ILE F 48 -28.90 -24.86 17.36
CA ILE F 48 -30.28 -25.33 17.28
C ILE F 48 -31.06 -24.61 16.18
N ALA F 49 -31.20 -23.30 16.28
CA ALA F 49 -32.11 -22.63 15.36
C ALA F 49 -31.77 -21.15 15.25
N CYS F 50 -32.40 -20.49 14.28
CA CYS F 50 -32.30 -19.05 14.10
C CYS F 50 -33.60 -18.51 13.54
N ILE F 51 -33.97 -17.30 13.98
CA ILE F 51 -35.11 -16.58 13.44
C ILE F 51 -34.70 -15.14 13.18
N GLY F 52 -35.10 -14.62 12.02
CA GLY F 52 -34.84 -13.23 11.71
C GLY F 52 -35.97 -12.32 12.15
N THR F 53 -35.59 -11.23 12.80
CA THR F 53 -36.55 -10.31 13.41
C THR F 53 -37.04 -9.26 12.42
N GLY F 54 -36.97 -9.55 11.13
CA GLY F 54 -37.39 -8.63 10.10
C GLY F 54 -38.84 -8.84 9.69
N SER F 55 -39.19 -8.28 8.54
CA SER F 55 -40.57 -8.41 8.05
C SER F 55 -40.92 -9.85 7.70
N SER F 56 -39.95 -10.61 7.19
CA SER F 56 -40.18 -12.01 6.79
C SER F 56 -39.09 -12.85 7.44
N GLY F 57 -39.42 -13.50 8.54
CA GLY F 57 -38.47 -14.32 9.27
C GLY F 57 -37.92 -15.48 8.46
N ASN F 58 -36.60 -15.60 8.43
CA ASN F 58 -35.94 -16.74 7.77
C ASN F 58 -35.62 -17.76 8.86
N ILE F 59 -36.63 -18.49 9.29
CA ILE F 59 -36.46 -19.50 10.32
C ILE F 59 -35.63 -20.65 9.76
N TYR F 60 -34.58 -21.03 10.48
CA TYR F 60 -33.66 -22.07 10.05
C TYR F 60 -33.46 -23.08 11.18
N TYR F 61 -33.28 -24.34 10.80
CA TYR F 61 -33.19 -25.40 11.78
C TYR F 61 -32.00 -26.28 11.44
N ALA F 62 -31.44 -26.92 12.47
CA ALA F 62 -30.38 -27.89 12.24
C ALA F 62 -30.98 -29.22 11.80
N SER F 63 -30.15 -30.07 11.22
CA SER F 63 -30.64 -31.35 10.73
C SER F 63 -31.09 -32.24 11.87
N TRP F 64 -30.35 -32.24 12.99
CA TRP F 64 -30.65 -33.13 14.09
C TRP F 64 -31.92 -32.76 14.84
N ALA F 65 -32.50 -31.59 14.57
CA ALA F 65 -33.71 -31.14 15.23
C ALA F 65 -34.71 -30.64 14.21
N LYS F 66 -34.93 -31.43 13.16
CA LYS F 66 -35.73 -30.97 12.03
C LYS F 66 -37.17 -30.70 12.42
N GLY F 67 -37.76 -31.57 13.23
CA GLY F 67 -39.16 -31.44 13.57
C GLY F 67 -39.44 -31.48 15.05
N ARG F 68 -38.41 -31.70 15.86
CA ARG F 68 -38.62 -31.77 17.31
C ARG F 68 -38.77 -30.38 17.91
N PHE F 69 -38.04 -29.40 17.40
CA PHE F 69 -38.01 -28.06 17.96
C PHE F 69 -38.82 -27.09 17.11
N THR F 70 -39.17 -25.95 17.69
CA THR F 70 -39.92 -24.91 17.01
C THR F 70 -39.65 -23.56 17.65
N ILE F 71 -39.15 -22.62 16.86
CA ILE F 71 -38.77 -21.30 17.35
C ILE F 71 -39.73 -20.28 16.77
N SER F 72 -40.15 -19.32 17.59
CA SER F 72 -41.09 -18.30 17.11
C SER F 72 -40.91 -17.03 17.92
N LYS F 73 -41.01 -15.89 17.23
CA LYS F 73 -40.97 -14.60 17.89
C LYS F 73 -42.39 -14.21 18.29
N THR F 74 -42.56 -13.72 19.52
CA THR F 74 -43.89 -13.48 20.06
C THR F 74 -44.16 -12.03 20.44
N SER F 75 -43.14 -11.19 20.56
CA SER F 75 -43.36 -9.79 20.88
C SER F 75 -42.15 -8.99 20.39
N SER F 76 -42.09 -7.72 20.79
CA SER F 76 -41.02 -6.85 20.34
C SER F 76 -39.70 -7.13 21.04
N THR F 77 -39.73 -7.85 22.16
CA THR F 77 -38.51 -8.13 22.93
C THR F 77 -38.46 -9.56 23.44
N THR F 78 -39.26 -10.47 22.87
CA THR F 78 -39.37 -11.82 23.38
C THR F 78 -39.40 -12.80 22.22
N VAL F 79 -38.49 -13.78 22.24
CA VAL F 79 -38.49 -14.87 21.27
C VAL F 79 -38.47 -16.19 22.02
N THR F 80 -39.39 -17.09 21.70
CA THR F 80 -39.53 -18.33 22.43
C THR F 80 -39.07 -19.49 21.57
N LEU F 81 -38.54 -20.51 22.23
CA LEU F 81 -38.20 -21.77 21.58
C LEU F 81 -38.85 -22.90 22.36
N GLN F 82 -39.63 -23.73 21.68
CA GLN F 82 -40.34 -24.82 22.31
C GLN F 82 -39.87 -26.14 21.73
N MET F 83 -39.57 -27.09 22.61
CA MET F 83 -39.25 -28.44 22.19
C MET F 83 -40.27 -29.39 22.78
N THR F 84 -40.45 -30.52 22.09
CA THR F 84 -41.34 -31.58 22.51
C THR F 84 -40.57 -32.89 22.59
N SER F 85 -41.01 -33.75 23.51
CA SER F 85 -40.44 -35.10 23.68
C SER F 85 -38.96 -35.02 24.00
N LEU F 86 -38.62 -34.28 25.06
CA LEU F 86 -37.23 -34.23 25.50
C LEU F 86 -36.79 -35.60 26.00
N THR F 87 -35.58 -36.00 25.60
CA THR F 87 -35.02 -37.30 25.96
C THR F 87 -33.92 -37.08 26.99
N ALA F 88 -33.25 -38.17 27.38
CA ALA F 88 -32.21 -38.07 28.38
C ALA F 88 -31.01 -37.26 27.89
N ALA F 89 -30.81 -37.20 26.57
CA ALA F 89 -29.65 -36.51 26.02
C ALA F 89 -29.92 -35.04 25.74
N ASP F 90 -31.12 -34.54 26.03
CA ASP F 90 -31.44 -33.14 25.79
C ASP F 90 -31.07 -32.23 26.95
N THR F 91 -30.56 -32.79 28.05
CA THR F 91 -30.08 -31.96 29.15
C THR F 91 -28.84 -31.20 28.72
N ALA F 92 -28.85 -29.89 28.93
CA ALA F 92 -27.79 -29.02 28.43
C ALA F 92 -28.05 -27.61 28.94
N THR F 93 -27.10 -26.72 28.65
CA THR F 93 -27.28 -25.29 28.87
C THR F 93 -27.59 -24.64 27.54
N TYR F 94 -28.68 -23.88 27.50
CA TYR F 94 -29.16 -23.26 26.27
C TYR F 94 -28.88 -21.77 26.30
N PHE F 95 -28.26 -21.28 25.23
CA PHE F 95 -27.91 -19.87 25.08
C PHE F 95 -28.71 -19.25 23.95
N CYS F 96 -29.12 -18.02 24.15
CA CYS F 96 -29.84 -17.22 23.16
C CYS F 96 -28.89 -16.15 22.66
N ALA F 97 -28.29 -16.38 21.50
CA ALA F 97 -27.29 -15.46 20.99
C ALA F 97 -27.88 -14.57 19.91
N ARG F 98 -27.21 -13.44 19.68
CA ARG F 98 -27.62 -12.47 18.67
C ARG F 98 -26.58 -12.43 17.57
N ASP F 99 -27.03 -12.33 16.33
CA ASP F 99 -26.16 -12.27 15.18
C ASP F 99 -25.73 -10.82 14.92
N ASP F 100 -25.02 -10.63 13.82
CA ASP F 100 -24.62 -9.29 13.39
C ASP F 100 -24.90 -9.02 11.91
N ALA F 101 -25.49 -9.95 11.18
CA ALA F 101 -25.80 -9.74 9.78
C ALA F 101 -26.97 -10.66 9.39
N ASP F 102 -27.90 -10.13 8.61
CA ASP F 102 -29.11 -10.87 8.25
C ASP F 102 -28.94 -11.54 6.89
N TYR F 103 -28.08 -12.55 6.86
CA TYR F 103 -27.84 -13.36 5.67
C TYR F 103 -28.60 -14.67 5.70
N ALA F 104 -29.78 -14.71 6.33
CA ALA F 104 -30.59 -15.91 6.42
C ALA F 104 -29.80 -17.06 7.03
N GLY F 105 -29.28 -16.82 8.22
CA GLY F 105 -28.51 -17.82 8.93
C GLY F 105 -27.68 -17.23 10.05
N PRO F 106 -27.10 -18.10 10.87
CA PRO F 106 -26.27 -17.63 11.99
C PRO F 106 -24.90 -17.18 11.52
N ASP F 107 -24.67 -15.87 11.53
CA ASP F 107 -23.37 -15.31 11.28
C ASP F 107 -22.65 -15.16 12.63
N TYR F 108 -21.58 -14.36 12.67
CA TYR F 108 -20.83 -14.19 13.90
C TYR F 108 -21.73 -13.75 15.04
N PHE F 109 -21.60 -14.41 16.19
CA PHE F 109 -22.41 -14.12 17.37
C PHE F 109 -21.68 -13.09 18.22
N ASN F 110 -22.05 -11.81 18.07
CA ASN F 110 -21.35 -10.77 18.81
C ASN F 110 -21.75 -10.74 20.28
N LEU F 111 -23.02 -11.02 20.57
CA LEU F 111 -23.52 -10.91 21.93
C LEU F 111 -24.17 -12.23 22.35
N TRP F 112 -23.88 -12.65 23.57
CA TRP F 112 -24.39 -13.90 24.12
C TRP F 112 -25.14 -13.63 25.42
N GLY F 113 -26.14 -14.46 25.68
CA GLY F 113 -26.84 -14.42 26.93
C GLY F 113 -26.26 -15.41 27.91
N PRO F 114 -26.56 -15.24 29.20
CA PRO F 114 -25.99 -16.13 30.22
C PRO F 114 -26.43 -17.58 30.07
N GLY F 115 -27.55 -17.83 29.40
CA GLY F 115 -27.98 -19.20 29.18
C GLY F 115 -28.60 -19.83 30.40
N THR F 116 -29.50 -20.79 30.20
CA THR F 116 -30.20 -21.44 31.29
C THR F 116 -30.06 -22.95 31.19
N LEU F 117 -30.14 -23.62 32.33
CA LEU F 117 -29.88 -25.05 32.42
C LEU F 117 -31.18 -25.82 32.33
N VAL F 118 -31.24 -26.82 31.44
CA VAL F 118 -32.39 -27.68 31.29
C VAL F 118 -31.94 -29.11 31.49
N THR F 119 -32.58 -29.80 32.43
CA THR F 119 -32.21 -31.18 32.76
C THR F 119 -33.42 -32.08 32.58
N VAL F 120 -33.18 -33.29 32.08
CA VAL F 120 -34.22 -34.27 31.85
C VAL F 120 -33.87 -35.51 32.66
N SER F 121 -34.74 -35.86 33.61
CA SER F 121 -34.52 -37.01 34.47
C SER F 121 -35.83 -37.38 35.15
N SER F 122 -35.93 -38.63 35.58
CA SER F 122 -37.11 -39.11 36.26
C SER F 122 -37.14 -38.63 37.71
#